data_9QRI
#
_entry.id   9QRI
#
_cell.length_a   127.136
_cell.length_b   127.136
_cell.length_c   124.999
_cell.angle_alpha   90.00
_cell.angle_beta   90.00
_cell.angle_gamma   90.00
#
_symmetry.space_group_name_H-M   'P 43 21 2'
#
loop_
_entity.id
_entity.type
_entity.pdbx_description
1 polymer 'Casein kinase II subunit alpha'
2 non-polymer '5-[4-[[4-[2-(3,4-dichlorophenyl)ethylamino]-4-oxidanylidene-butanoyl]amino]butylamino]benzo[c][2,6]naphthyridine-8-carboxylic acid'
3 non-polymer 'SULFATE ION'
4 water water
#
_entity_poly.entity_id   1
_entity_poly.type   'polypeptide(L)'
_entity_poly.pdbx_seq_one_letter_code
;MHHHHHHSSGVDLGTENLYFQSMSGPVPSRARVYTDVNTHRPREYWDYESHVVEWGNQDDYQLVRKLGRGKYSEVFEAIN
ITNNEKVVVKILKPVKKKKIKREIKILENLRGGPNIITLADIVKDPVSRTPALVFEHVNNTDFKQLYQTLTDYDIRFYMY
EILKALDYCHSMGIMHRDVKPHNVMIDHEHRKLRLIDWGLAEFYHPGQEYNVRVASRYFKGPELLVDYQMYDYSLDMWSL
GCMLASMIFRKEPFFHGHDNYDQLVRIAKVLGTEDLYDYIDKYNIELDPRFNDILGRHSRKRWERFVHSENQHLVSPEAL
DFLDKLLRYDHQSRLTAREAMEHPYFYTVVKDQARMGSS
;
_entity_poly.pdbx_strand_id   A,B
#
loop_
_chem_comp.id
_chem_comp.type
_chem_comp.name
_chem_comp.formula
A1I9N non-polymer '5-[4-[[4-[2-(3,4-dichlorophenyl)ethylamino]-4-oxidanylidene-butanoyl]amino]butylamino]benzo[c][2,6]naphthyridine-8-carboxylic acid' 'C29 H29 Cl2 N5 O4'
SO4 non-polymer 'SULFATE ION' 'O4 S -2'
#
# COMPACT_ATOMS: atom_id res chain seq x y z
N GLY A 25 -16.56 30.95 -7.91
CA GLY A 25 -17.33 29.73 -7.74
C GLY A 25 -16.50 28.46 -7.79
N PRO A 26 -17.17 27.28 -7.83
CA PRO A 26 -16.43 26.01 -7.88
C PRO A 26 -15.73 25.79 -9.21
N VAL A 27 -14.61 25.07 -9.15
CA VAL A 27 -13.83 24.76 -10.35
C VAL A 27 -14.52 23.62 -11.10
N PRO A 28 -14.68 23.73 -12.42
CA PRO A 28 -15.37 22.66 -13.17
C PRO A 28 -14.62 21.34 -13.09
N SER A 29 -15.30 20.30 -13.54
CA SER A 29 -14.70 18.98 -13.58
C SER A 29 -15.38 18.19 -14.70
N ARG A 30 -14.62 17.30 -15.32
CA ARG A 30 -15.16 16.41 -16.35
C ARG A 30 -14.72 14.98 -16.03
N ALA A 31 -15.58 14.02 -16.36
CA ALA A 31 -15.18 12.62 -16.24
C ALA A 31 -13.97 12.39 -17.12
N ARG A 32 -13.01 11.61 -16.64
CA ARG A 32 -11.87 11.40 -17.52
C ARG A 32 -12.02 10.17 -18.39
N VAL A 33 -13.12 9.42 -18.26
CA VAL A 33 -13.47 8.38 -19.23
C VAL A 33 -14.95 8.54 -19.60
N TYR A 34 -15.27 8.05 -20.79
CA TYR A 34 -16.63 8.08 -21.33
C TYR A 34 -17.25 9.48 -21.24
N THR A 35 -16.42 10.52 -21.43
CA THR A 35 -16.84 11.89 -21.14
C THR A 35 -18.01 12.33 -22.03
N ASP A 36 -17.93 12.04 -23.33
CA ASP A 36 -18.85 12.60 -24.32
C ASP A 36 -19.77 11.58 -24.97
N VAL A 37 -19.90 10.37 -24.38
CA VAL A 37 -20.60 9.30 -25.12
C VAL A 37 -22.07 9.65 -25.35
N ASN A 38 -22.70 10.37 -24.43
CA ASN A 38 -24.11 10.71 -24.63
C ASN A 38 -24.28 11.77 -25.72
N THR A 39 -23.29 12.67 -25.90
CA THR A 39 -23.39 13.68 -26.94
C THR A 39 -23.34 13.08 -28.33
N HIS A 40 -22.71 11.91 -28.49
CA HIS A 40 -22.60 11.31 -29.82
C HIS A 40 -23.76 10.38 -30.13
N ARG A 41 -24.63 10.13 -29.16
CA ARG A 41 -25.86 9.36 -29.29
C ARG A 41 -26.95 10.17 -29.97
N PRO A 42 -27.93 9.50 -30.55
CA PRO A 42 -29.18 10.19 -30.92
C PRO A 42 -29.85 10.77 -29.70
N ARG A 43 -30.44 11.95 -29.88
CA ARG A 43 -31.09 12.62 -28.76
C ARG A 43 -32.00 11.68 -27.95
N GLU A 44 -32.74 10.79 -28.63
CA GLU A 44 -33.72 9.98 -27.93
C GLU A 44 -33.08 9.01 -26.95
N TYR A 45 -31.77 8.73 -27.10
CA TYR A 45 -31.08 7.84 -26.18
C TYR A 45 -31.09 8.39 -24.76
N TRP A 46 -30.87 9.70 -24.59
CA TRP A 46 -30.77 10.26 -23.23
C TRP A 46 -31.89 11.23 -22.87
N ASP A 47 -32.60 11.78 -23.85
CA ASP A 47 -33.72 12.69 -23.63
C ASP A 47 -34.95 11.90 -23.19
N TYR A 48 -34.84 11.30 -21.98
CA TYR A 48 -35.87 10.39 -21.50
C TYR A 48 -37.20 11.08 -21.23
N GLU A 49 -37.21 12.41 -21.05
CA GLU A 49 -38.47 13.10 -20.78
C GLU A 49 -39.47 12.95 -21.92
N SER A 50 -39.01 12.71 -23.15
CA SER A 50 -39.94 12.45 -24.24
C SER A 50 -40.05 10.97 -24.59
N HIS A 51 -39.50 10.07 -23.77
CA HIS A 51 -39.72 8.66 -24.01
C HIS A 51 -41.19 8.32 -23.79
N VAL A 52 -41.79 7.63 -24.77
CA VAL A 52 -43.18 7.20 -24.71
C VAL A 52 -43.22 5.79 -24.12
N VAL A 53 -43.95 5.62 -23.02
CA VAL A 53 -44.02 4.36 -22.31
C VAL A 53 -45.31 3.63 -22.69
N GLU A 54 -45.19 2.34 -23.00
CA GLU A 54 -46.33 1.49 -23.36
C GLU A 54 -46.72 0.67 -22.15
N TRP A 55 -47.75 1.11 -21.42
CA TRP A 55 -48.09 0.50 -20.13
C TRP A 55 -48.94 -0.76 -20.32
N GLY A 56 -48.37 -1.92 -20.02
CA GLY A 56 -49.14 -3.15 -19.99
C GLY A 56 -50.05 -3.24 -18.77
N ASN A 57 -50.59 -4.44 -18.59
CA ASN A 57 -51.63 -4.72 -17.59
C ASN A 57 -51.04 -5.63 -16.51
N GLN A 58 -51.05 -5.17 -15.25
CA GLN A 58 -50.46 -5.95 -14.18
C GLN A 58 -51.19 -7.26 -13.92
N ASP A 59 -52.38 -7.44 -14.48
CA ASP A 59 -53.12 -8.69 -14.38
C ASP A 59 -52.53 -9.82 -15.20
N ASP A 60 -51.38 -9.62 -15.85
CA ASP A 60 -50.55 -10.70 -16.34
C ASP A 60 -49.75 -11.36 -15.23
N TYR A 61 -49.67 -10.72 -14.06
CA TYR A 61 -48.83 -11.16 -12.97
C TYR A 61 -49.68 -11.25 -11.71
N GLN A 62 -49.50 -12.33 -10.95
CA GLN A 62 -50.14 -12.49 -9.66
C GLN A 62 -49.07 -12.33 -8.59
N LEU A 63 -49.29 -11.40 -7.67
CA LEU A 63 -48.34 -11.18 -6.60
C LEU A 63 -48.36 -12.36 -5.63
N VAL A 64 -47.16 -12.80 -5.24
CA VAL A 64 -47.03 -13.89 -4.27
C VAL A 64 -46.76 -13.30 -2.89
N ARG A 65 -45.66 -12.57 -2.73
CA ARG A 65 -45.35 -12.09 -1.39
C ARG A 65 -44.51 -10.82 -1.48
N LYS A 66 -44.46 -10.09 -0.37
CA LYS A 66 -43.64 -8.88 -0.30
C LYS A 66 -42.18 -9.26 -0.02
N LEU A 67 -41.26 -8.65 -0.77
CA LEU A 67 -39.83 -8.90 -0.67
C LEU A 67 -39.05 -7.75 -0.05
N GLY A 68 -39.58 -6.53 -0.10
CA GLY A 68 -38.94 -5.40 0.52
C GLY A 68 -39.73 -4.14 0.21
N ARG A 69 -39.38 -3.08 0.93
CA ARG A 69 -39.99 -1.78 0.77
C ARG A 69 -38.90 -0.73 0.87
N GLY A 70 -39.03 0.34 0.11
CA GLY A 70 -38.04 1.40 0.18
C GLY A 70 -38.67 2.78 0.19
N LYS A 71 -37.84 3.81 0.05
CA LYS A 71 -38.36 5.17 -0.13
C LYS A 71 -39.21 5.26 -1.39
N TYR A 72 -38.76 4.65 -2.49
CA TYR A 72 -39.38 4.85 -3.81
C TYR A 72 -40.14 3.63 -4.32
N SER A 73 -40.34 2.59 -3.52
CA SER A 73 -40.86 1.38 -4.12
C SER A 73 -41.27 0.38 -3.04
N GLU A 74 -42.21 -0.48 -3.42
CA GLU A 74 -42.41 -1.77 -2.77
C GLU A 74 -42.17 -2.87 -3.79
N VAL A 75 -41.47 -3.93 -3.38
CA VAL A 75 -41.04 -4.98 -4.29
C VAL A 75 -41.70 -6.28 -3.86
N PHE A 76 -42.25 -7.02 -4.84
CA PHE A 76 -43.01 -8.23 -4.61
C PHE A 76 -42.49 -9.36 -5.49
N GLU A 77 -42.41 -10.56 -4.93
CA GLU A 77 -42.32 -11.75 -5.78
C GLU A 77 -43.67 -11.93 -6.46
N ALA A 78 -43.66 -12.35 -7.73
CA ALA A 78 -44.89 -12.55 -8.47
C ALA A 78 -44.70 -13.67 -9.48
N ILE A 79 -45.83 -14.16 -10.01
CA ILE A 79 -45.86 -15.21 -11.03
C ILE A 79 -46.41 -14.62 -12.31
N ASN A 80 -45.67 -14.82 -13.40
CA ASN A 80 -46.22 -14.56 -14.72
C ASN A 80 -47.19 -15.69 -15.06
N ILE A 81 -48.50 -15.40 -15.09
CA ILE A 81 -49.46 -16.49 -15.24
C ILE A 81 -49.39 -17.15 -16.61
N THR A 82 -48.85 -16.46 -17.63
CA THR A 82 -48.82 -17.03 -18.98
C THR A 82 -47.91 -18.25 -19.07
N ASN A 83 -46.80 -18.23 -18.33
CA ASN A 83 -45.79 -19.28 -18.42
C ASN A 83 -45.30 -19.78 -17.07
N ASN A 84 -45.93 -19.37 -15.97
CA ASN A 84 -45.59 -19.80 -14.61
C ASN A 84 -44.20 -19.37 -14.17
N GLU A 85 -43.58 -18.42 -14.86
CA GLU A 85 -42.22 -18.03 -14.47
C GLU A 85 -42.27 -17.10 -13.27
N LYS A 86 -41.40 -17.37 -12.30
CA LYS A 86 -41.20 -16.49 -11.17
C LYS A 86 -40.61 -15.17 -11.65
N VAL A 87 -41.08 -14.06 -11.07
CA VAL A 87 -40.73 -12.73 -11.55
C VAL A 87 -40.77 -11.78 -10.35
N VAL A 88 -40.35 -10.54 -10.55
CA VAL A 88 -40.33 -9.54 -9.48
C VAL A 88 -41.04 -8.27 -9.96
N VAL A 89 -41.94 -7.75 -9.12
CA VAL A 89 -42.75 -6.57 -9.46
C VAL A 89 -42.38 -5.44 -8.49
N LYS A 90 -41.94 -4.31 -9.04
CA LYS A 90 -41.59 -3.14 -8.24
C LYS A 90 -42.66 -2.09 -8.47
N ILE A 91 -43.51 -1.91 -7.48
CA ILE A 91 -44.58 -0.93 -7.54
C ILE A 91 -43.98 0.40 -7.08
N LEU A 92 -43.99 1.38 -7.99
CA LEU A 92 -43.33 2.66 -7.75
C LEU A 92 -44.19 3.57 -6.89
N LYS A 93 -43.60 4.06 -5.81
CA LYS A 93 -44.24 5.08 -5.01
C LYS A 93 -44.26 6.40 -5.80
N PRO A 94 -45.20 7.27 -5.51
CA PRO A 94 -45.46 8.40 -6.42
C PRO A 94 -44.31 9.38 -6.56
N VAL A 95 -43.56 9.24 -7.64
CA VAL A 95 -42.50 10.17 -7.99
C VAL A 95 -42.95 10.98 -9.21
N LYS A 96 -42.22 12.06 -9.51
CA LYS A 96 -42.40 12.79 -10.75
C LYS A 96 -42.38 11.82 -11.92
N LYS A 97 -43.37 11.93 -12.82
CA LYS A 97 -43.46 11.02 -13.97
C LYS A 97 -42.12 10.95 -14.72
N LYS A 98 -41.45 12.09 -14.85
CA LYS A 98 -40.05 12.25 -15.25
C LYS A 98 -39.14 11.14 -14.72
N LYS A 99 -39.14 10.94 -13.41
CA LYS A 99 -38.19 10.01 -12.82
C LYS A 99 -38.52 8.56 -13.19
N ILE A 100 -39.79 8.26 -13.46
CA ILE A 100 -40.14 6.92 -13.90
C ILE A 100 -39.70 6.69 -15.34
N LYS A 101 -39.94 7.67 -16.22
CA LYS A 101 -39.40 7.60 -17.57
C LYS A 101 -37.87 7.46 -17.54
N ARG A 102 -37.21 8.17 -16.62
CA ARG A 102 -35.77 8.07 -16.53
C ARG A 102 -35.32 6.63 -16.24
N GLU A 103 -35.93 5.98 -15.24
CA GLU A 103 -35.50 4.63 -14.85
C GLU A 103 -35.79 3.64 -15.96
N ILE A 104 -36.96 3.76 -16.61
CA ILE A 104 -37.31 2.85 -17.69
C ILE A 104 -36.31 2.98 -18.83
N LYS A 105 -36.04 4.22 -19.25
CA LYS A 105 -35.17 4.42 -20.40
C LYS A 105 -33.75 3.97 -20.10
N ILE A 106 -33.29 4.15 -18.85
CA ILE A 106 -31.99 3.62 -18.47
C ILE A 106 -32.00 2.09 -18.50
N LEU A 107 -33.01 1.48 -17.87
CA LEU A 107 -33.16 0.03 -17.95
C LEU A 107 -33.21 -0.47 -19.39
N GLU A 108 -33.98 0.20 -20.26
CA GLU A 108 -34.08 -0.22 -21.65
C GLU A 108 -32.74 -0.06 -22.36
N ASN A 109 -32.02 1.03 -22.10
CA ASN A 109 -30.71 1.26 -22.72
C ASN A 109 -29.66 0.24 -22.26
N LEU A 110 -29.78 -0.31 -21.04
CA LEU A 110 -28.76 -1.22 -20.53
C LEU A 110 -29.13 -2.68 -20.74
N ARG A 111 -30.32 -2.96 -21.28
CA ARG A 111 -30.77 -4.34 -21.41
C ARG A 111 -29.72 -5.23 -22.09
N GLY A 112 -29.53 -6.42 -21.56
CA GLY A 112 -28.54 -7.33 -22.08
C GLY A 112 -27.12 -7.05 -21.67
N GLY A 113 -26.86 -5.99 -20.91
CA GLY A 113 -25.51 -5.70 -20.48
C GLY A 113 -25.08 -6.65 -19.36
N PRO A 114 -23.77 -6.82 -19.20
CA PRO A 114 -23.28 -7.85 -18.27
C PRO A 114 -23.69 -7.54 -16.84
N ASN A 115 -24.37 -8.50 -16.21
CA ASN A 115 -24.72 -8.43 -14.79
C ASN A 115 -25.61 -7.24 -14.46
N ILE A 116 -26.40 -6.76 -15.40
CA ILE A 116 -27.39 -5.73 -15.13
C ILE A 116 -28.75 -6.42 -15.08
N ILE A 117 -29.56 -6.08 -14.08
CA ILE A 117 -30.86 -6.72 -13.94
C ILE A 117 -31.69 -6.40 -15.18
N THR A 118 -32.40 -7.41 -15.65
CA THR A 118 -33.21 -7.27 -16.86
C THR A 118 -34.63 -6.84 -16.56
N LEU A 119 -35.05 -5.75 -17.20
CA LEU A 119 -36.43 -5.30 -17.08
C LEU A 119 -37.29 -6.11 -18.03
N ALA A 120 -38.28 -6.81 -17.49
CA ALA A 120 -39.10 -7.72 -18.28
C ALA A 120 -40.40 -7.08 -18.75
N ASP A 121 -40.96 -6.15 -18.01
CA ASP A 121 -42.24 -5.64 -18.45
C ASP A 121 -42.53 -4.36 -17.69
N ILE A 122 -43.45 -3.58 -18.24
CA ILE A 122 -43.84 -2.28 -17.70
C ILE A 122 -45.37 -2.27 -17.67
N VAL A 123 -45.94 -2.14 -16.48
CA VAL A 123 -47.37 -2.36 -16.30
C VAL A 123 -47.95 -1.31 -15.38
N LYS A 124 -49.27 -1.26 -15.37
CA LYS A 124 -50.06 -0.48 -14.44
C LYS A 124 -51.13 -1.40 -13.89
N ASP A 125 -51.37 -1.32 -12.59
CA ASP A 125 -52.52 -2.02 -12.05
C ASP A 125 -53.79 -1.40 -12.66
N PRO A 126 -54.71 -2.20 -13.22
CA PRO A 126 -55.85 -1.61 -13.93
C PRO A 126 -56.81 -0.80 -13.05
N VAL A 127 -56.86 -1.06 -11.73
CA VAL A 127 -57.78 -0.34 -10.85
C VAL A 127 -57.08 0.90 -10.28
N SER A 128 -55.93 0.69 -9.62
CA SER A 128 -55.24 1.79 -8.97
C SER A 128 -54.55 2.72 -9.96
N ARG A 129 -54.18 2.22 -11.15
CA ARG A 129 -53.47 2.93 -12.20
C ARG A 129 -52.02 3.26 -11.82
N THR A 130 -51.51 2.69 -10.71
CA THR A 130 -50.17 3.13 -10.39
C THR A 130 -49.13 2.33 -11.19
N PRO A 131 -48.04 2.98 -11.56
CA PRO A 131 -47.04 2.34 -12.42
C PRO A 131 -46.15 1.35 -11.67
N ALA A 132 -45.76 0.28 -12.37
CA ALA A 132 -44.87 -0.70 -11.75
C ALA A 132 -43.97 -1.31 -12.83
N LEU A 133 -42.77 -1.71 -12.40
CA LEU A 133 -41.80 -2.38 -13.25
C LEU A 133 -41.74 -3.85 -12.89
N VAL A 134 -41.63 -4.70 -13.91
CA VAL A 134 -41.46 -6.13 -13.73
C VAL A 134 -40.03 -6.49 -14.09
N PHE A 135 -39.33 -7.19 -13.20
CA PHE A 135 -37.94 -7.54 -13.38
C PHE A 135 -37.74 -9.05 -13.40
N GLU A 136 -36.59 -9.48 -13.92
CA GLU A 136 -36.21 -10.88 -13.74
C GLU A 136 -36.04 -11.22 -12.26
N HIS A 137 -36.34 -12.46 -11.93
CA HIS A 137 -36.14 -12.95 -10.57
C HIS A 137 -34.75 -13.57 -10.43
N VAL A 138 -34.06 -13.23 -9.34
CA VAL A 138 -32.78 -13.87 -8.98
C VAL A 138 -32.97 -14.67 -7.70
N ASN A 139 -32.53 -15.92 -7.71
CA ASN A 139 -32.64 -16.80 -6.54
C ASN A 139 -31.51 -16.46 -5.58
N ASN A 140 -31.74 -15.49 -4.69
CA ASN A 140 -30.71 -15.05 -3.77
C ASN A 140 -30.33 -16.16 -2.80
N THR A 141 -29.21 -15.94 -2.11
CA THR A 141 -28.69 -16.87 -1.13
C THR A 141 -28.87 -16.33 0.28
N ASP A 142 -28.74 -17.22 1.25
CA ASP A 142 -28.74 -16.79 2.64
C ASP A 142 -27.52 -15.90 2.82
N PHE A 143 -27.74 -14.58 2.81
CA PHE A 143 -26.62 -13.66 2.96
C PHE A 143 -26.01 -13.73 4.36
N LYS A 144 -26.81 -14.00 5.40
CA LYS A 144 -26.24 -14.24 6.73
C LYS A 144 -25.19 -15.35 6.70
N GLN A 145 -25.53 -16.47 6.04
CA GLN A 145 -24.58 -17.57 5.92
C GLN A 145 -23.46 -17.25 4.95
N LEU A 146 -23.73 -16.40 3.95
CA LEU A 146 -22.72 -16.05 2.95
C LEU A 146 -21.55 -15.31 3.60
N TYR A 147 -21.85 -14.27 4.39
CA TYR A 147 -20.81 -13.42 4.97
C TYR A 147 -20.06 -14.10 6.11
N GLN A 148 -20.55 -15.23 6.62
CA GLN A 148 -19.82 -15.98 7.62
C GLN A 148 -18.95 -17.08 7.01
N THR A 149 -19.01 -17.25 5.69
CA THR A 149 -18.18 -18.25 5.04
C THR A 149 -17.39 -17.67 3.87
N LEU A 150 -17.58 -16.39 3.55
CA LEU A 150 -16.85 -15.69 2.50
C LEU A 150 -15.38 -16.07 2.48
N THR A 151 -14.91 -16.43 1.30
CA THR A 151 -13.48 -16.58 1.07
C THR A 151 -12.93 -15.33 0.41
N ASP A 152 -11.60 -15.20 0.51
CA ASP A 152 -10.88 -14.17 -0.23
C ASP A 152 -11.24 -14.25 -1.72
N TYR A 153 -11.33 -15.47 -2.27
CA TYR A 153 -11.69 -15.61 -3.68
C TYR A 153 -13.11 -15.13 -3.96
N ASP A 154 -14.05 -15.41 -3.06
CA ASP A 154 -15.41 -14.95 -3.28
C ASP A 154 -15.48 -13.43 -3.40
N ILE A 155 -14.79 -12.72 -2.52
CA ILE A 155 -14.82 -11.26 -2.57
C ILE A 155 -14.26 -10.76 -3.89
N ARG A 156 -13.12 -11.33 -4.33
CA ARG A 156 -12.53 -10.93 -5.60
C ARG A 156 -13.40 -11.32 -6.79
N PHE A 157 -14.10 -12.45 -6.71
CA PHE A 157 -14.92 -12.88 -7.84
C PHE A 157 -16.11 -11.96 -8.04
N TYR A 158 -16.80 -11.64 -6.95
CA TYR A 158 -18.00 -10.81 -7.08
C TYR A 158 -17.67 -9.33 -7.25
N MET A 159 -16.58 -8.82 -6.65
CA MET A 159 -16.13 -7.47 -6.97
C MET A 159 -15.93 -7.33 -8.47
N TYR A 160 -15.18 -8.27 -9.06
CA TYR A 160 -15.01 -8.30 -10.50
C TYR A 160 -16.35 -8.24 -11.24
N GLU A 161 -17.32 -9.06 -10.83
CA GLU A 161 -18.62 -9.07 -11.49
C GLU A 161 -19.34 -7.71 -11.36
N ILE A 162 -19.27 -7.08 -10.19
CA ILE A 162 -19.86 -5.75 -10.07
C ILE A 162 -19.16 -4.76 -11.00
N LEU A 163 -17.84 -4.86 -11.11
CA LEU A 163 -17.08 -3.96 -11.98
C LEU A 163 -17.49 -4.12 -13.44
N LYS A 164 -17.77 -5.35 -13.87
CA LYS A 164 -18.28 -5.54 -15.24
C LYS A 164 -19.56 -4.74 -15.46
N ALA A 165 -20.43 -4.71 -14.45
CA ALA A 165 -21.70 -4.01 -14.62
C ALA A 165 -21.47 -2.50 -14.60
N LEU A 166 -20.54 -2.03 -13.77
CA LEU A 166 -20.29 -0.59 -13.68
C LEU A 166 -19.57 -0.10 -14.91
N ASP A 167 -18.57 -0.85 -15.39
CA ASP A 167 -17.87 -0.39 -16.57
C ASP A 167 -18.81 -0.32 -17.76
N TYR A 168 -19.73 -1.26 -17.87
CA TYR A 168 -20.66 -1.25 -18.98
C TYR A 168 -21.59 -0.05 -18.89
N CYS A 169 -22.23 0.15 -17.74
CA CYS A 169 -23.18 1.26 -17.68
C CYS A 169 -22.46 2.61 -17.77
N HIS A 170 -21.26 2.71 -17.20
CA HIS A 170 -20.44 3.90 -17.40
C HIS A 170 -20.14 4.12 -18.89
N SER A 171 -19.73 3.06 -19.58
CA SER A 171 -19.45 3.17 -21.01
C SER A 171 -20.71 3.50 -21.80
N MET A 172 -21.87 3.22 -21.24
CA MET A 172 -23.14 3.59 -21.85
C MET A 172 -23.61 4.97 -21.42
N GLY A 173 -22.75 5.76 -20.80
CA GLY A 173 -23.15 7.10 -20.41
C GLY A 173 -24.05 7.21 -19.18
N ILE A 174 -24.00 6.24 -18.26
CA ILE A 174 -24.97 6.15 -17.17
C ILE A 174 -24.23 5.89 -15.86
N MET A 175 -24.56 6.68 -14.83
CA MET A 175 -24.04 6.50 -13.47
C MET A 175 -25.11 5.80 -12.65
N HIS A 176 -24.71 4.81 -11.87
CA HIS A 176 -25.73 4.13 -11.07
C HIS A 176 -26.15 4.96 -9.86
N ARG A 177 -25.19 5.58 -9.14
CA ARG A 177 -25.40 6.52 -8.04
C ARG A 177 -26.05 5.90 -6.80
N ASP A 178 -26.24 4.59 -6.76
CA ASP A 178 -26.78 4.01 -5.55
C ASP A 178 -26.17 2.63 -5.31
N VAL A 179 -24.87 2.51 -5.54
CA VAL A 179 -24.17 1.25 -5.34
C VAL A 179 -24.08 0.97 -3.85
N LYS A 180 -24.64 -0.15 -3.41
CA LYS A 180 -24.58 -0.58 -2.02
C LYS A 180 -24.98 -2.04 -1.96
N PRO A 181 -24.70 -2.74 -0.84
CA PRO A 181 -25.00 -4.18 -0.79
C PRO A 181 -26.43 -4.53 -1.14
N HIS A 182 -27.42 -3.78 -0.63
CA HIS A 182 -28.82 -4.08 -0.92
C HIS A 182 -29.08 -4.19 -2.43
N ASN A 183 -28.27 -3.49 -3.25
CA ASN A 183 -28.52 -3.45 -4.69
C ASN A 183 -27.66 -4.43 -5.47
N VAL A 184 -27.13 -5.45 -4.80
CA VAL A 184 -26.43 -6.54 -5.47
C VAL A 184 -27.13 -7.85 -5.14
N MET A 185 -27.76 -8.46 -6.13
CA MET A 185 -28.26 -9.81 -6.00
C MET A 185 -27.18 -10.79 -6.34
N ILE A 186 -27.11 -11.89 -5.59
CA ILE A 186 -26.17 -12.96 -5.87
C ILE A 186 -26.87 -14.29 -5.73
N ASP A 187 -26.87 -15.08 -6.79
CA ASP A 187 -27.28 -16.48 -6.79
C ASP A 187 -25.97 -17.28 -6.69
N HIS A 188 -25.59 -17.64 -5.46
CA HIS A 188 -24.25 -18.21 -5.27
C HIS A 188 -24.16 -19.62 -5.83
N GLU A 189 -25.22 -20.42 -5.71
CA GLU A 189 -25.20 -21.74 -6.33
C GLU A 189 -24.79 -21.66 -7.80
N HIS A 190 -25.07 -20.54 -8.46
CA HIS A 190 -24.77 -20.36 -9.88
C HIS A 190 -23.71 -19.30 -10.16
N ARG A 191 -23.01 -18.83 -9.13
CA ARG A 191 -22.13 -17.65 -9.17
C ARG A 191 -22.67 -16.58 -10.14
N LYS A 192 -23.89 -16.11 -9.88
CA LYS A 192 -24.60 -15.16 -10.73
C LYS A 192 -24.92 -13.90 -9.94
N LEU A 193 -24.57 -12.74 -10.49
CA LEU A 193 -24.71 -11.47 -9.81
C LEU A 193 -25.48 -10.48 -10.69
N ARG A 194 -26.34 -9.67 -10.06
CA ARG A 194 -27.13 -8.68 -10.78
C ARG A 194 -27.14 -7.37 -10.00
N LEU A 195 -26.85 -6.26 -10.68
CA LEU A 195 -26.95 -4.93 -10.08
C LEU A 195 -28.38 -4.40 -10.29
N ILE A 196 -29.06 -4.05 -9.20
CA ILE A 196 -30.47 -3.66 -9.28
C ILE A 196 -30.69 -2.21 -8.86
N ASP A 197 -31.96 -1.81 -8.78
CA ASP A 197 -32.43 -0.45 -8.48
C ASP A 197 -31.69 0.64 -9.24
N TRP A 198 -32.15 0.91 -10.45
CA TRP A 198 -31.63 1.99 -11.28
C TRP A 198 -32.48 3.25 -11.14
N GLY A 199 -33.32 3.31 -10.10
CA GLY A 199 -34.19 4.44 -9.86
C GLY A 199 -33.48 5.75 -9.55
N LEU A 200 -32.24 5.71 -9.07
CA LEU A 200 -31.46 6.94 -8.96
C LEU A 200 -30.44 7.11 -10.09
N ALA A 201 -30.38 6.19 -11.03
CA ALA A 201 -29.37 6.28 -12.07
C ALA A 201 -29.60 7.51 -12.96
N GLU A 202 -28.54 7.98 -13.58
CA GLU A 202 -28.66 9.25 -14.28
C GLU A 202 -27.70 9.24 -15.46
N PHE A 203 -28.03 10.02 -16.50
CA PHE A 203 -27.17 10.15 -17.66
C PHE A 203 -26.03 11.12 -17.37
N TYR A 204 -24.80 10.73 -17.69
CA TYR A 204 -23.71 11.68 -17.52
C TYR A 204 -23.59 12.63 -18.73
N HIS A 205 -23.51 13.93 -18.44
CA HIS A 205 -23.32 14.97 -19.44
C HIS A 205 -22.21 15.91 -18.97
N PRO A 206 -21.19 16.17 -19.78
CA PRO A 206 -20.09 17.03 -19.31
C PRO A 206 -20.61 18.40 -18.90
N GLY A 207 -20.24 18.83 -17.69
CA GLY A 207 -20.59 20.12 -17.15
C GLY A 207 -21.92 20.18 -16.43
N GLN A 208 -22.70 19.10 -16.42
CA GLN A 208 -23.98 19.11 -15.72
C GLN A 208 -23.76 19.06 -14.21
N GLU A 209 -24.63 19.74 -13.48
CA GLU A 209 -24.56 19.80 -12.02
C GLU A 209 -25.70 18.97 -11.46
N TYR A 210 -25.36 17.88 -10.76
CA TYR A 210 -26.34 16.90 -10.33
C TYR A 210 -26.74 17.11 -8.88
N ASN A 211 -27.87 16.51 -8.53
CA ASN A 211 -28.32 16.49 -7.15
C ASN A 211 -27.35 15.68 -6.31
N VAL A 212 -26.91 16.24 -5.19
CA VAL A 212 -26.09 15.49 -4.26
C VAL A 212 -26.90 14.63 -3.30
N ARG A 213 -28.20 14.90 -3.13
CA ARG A 213 -29.07 14.09 -2.27
C ARG A 213 -29.44 12.76 -2.96
N VAL A 214 -28.43 11.96 -3.26
CA VAL A 214 -28.59 10.63 -3.83
C VAL A 214 -27.76 9.66 -2.98
N ALA A 215 -27.96 8.35 -3.24
CA ALA A 215 -27.25 7.26 -2.57
C ALA A 215 -27.55 7.18 -1.08
N SER A 216 -27.07 6.13 -0.42
CA SER A 216 -27.25 6.01 1.02
C SER A 216 -26.03 6.54 1.75
N ARG A 217 -26.27 7.17 2.90
CA ARG A 217 -25.25 7.81 3.72
C ARG A 217 -23.91 7.10 3.75
N TYR A 218 -23.93 5.82 4.09
CA TYR A 218 -22.67 5.12 4.32
C TYR A 218 -21.83 4.99 3.06
N PHE A 219 -22.42 5.20 1.89
CA PHE A 219 -21.75 5.02 0.62
C PHE A 219 -21.60 6.31 -0.15
N LYS A 220 -22.04 7.45 0.41
CA LYS A 220 -21.94 8.72 -0.28
C LYS A 220 -20.48 9.16 -0.41
N GLY A 221 -20.07 9.42 -1.66
CA GLY A 221 -18.78 10.03 -1.93
C GLY A 221 -18.62 11.38 -1.26
N PRO A 222 -17.38 11.75 -0.93
CA PRO A 222 -17.13 13.10 -0.40
C PRO A 222 -17.70 14.21 -1.26
N GLU A 223 -17.77 14.02 -2.58
CA GLU A 223 -18.34 15.06 -3.44
C GLU A 223 -19.79 15.35 -3.07
N LEU A 224 -20.54 14.31 -2.69
CA LEU A 224 -21.91 14.53 -2.25
C LEU A 224 -21.94 15.24 -0.90
N LEU A 225 -21.00 14.92 0.00
CA LEU A 225 -21.07 15.44 1.36
C LEU A 225 -20.62 16.90 1.47
N VAL A 226 -19.84 17.38 0.51
CA VAL A 226 -19.40 18.78 0.49
C VAL A 226 -20.19 19.59 -0.53
N ASP A 227 -21.20 19.00 -1.15
CA ASP A 227 -22.02 19.71 -2.12
C ASP A 227 -21.21 20.14 -3.35
N TYR A 228 -20.35 19.25 -3.84
CA TYR A 228 -19.75 19.42 -5.16
C TYR A 228 -20.61 18.70 -6.18
N GLN A 229 -21.23 19.47 -7.08
CA GLN A 229 -22.32 18.94 -7.90
C GLN A 229 -21.89 18.47 -9.29
N MET A 230 -20.70 18.83 -9.75
CA MET A 230 -20.29 18.46 -11.11
C MET A 230 -19.53 17.14 -11.14
N TYR A 231 -20.10 16.11 -10.48
CA TYR A 231 -19.47 14.81 -10.31
C TYR A 231 -19.80 13.89 -11.48
N ASP A 232 -19.28 12.67 -11.45
CA ASP A 232 -19.43 11.79 -12.61
C ASP A 232 -19.41 10.34 -12.16
N TYR A 233 -19.12 9.43 -13.12
CA TYR A 233 -19.13 8.00 -12.88
C TYR A 233 -18.29 7.62 -11.67
N SER A 234 -17.22 8.38 -11.41
CA SER A 234 -16.30 8.02 -10.34
C SER A 234 -17.01 7.97 -8.99
N LEU A 235 -18.21 8.55 -8.89
CA LEU A 235 -19.01 8.43 -7.67
C LEU A 235 -19.33 6.98 -7.35
N ASP A 236 -19.61 6.17 -8.37
CA ASP A 236 -19.87 4.75 -8.15
C ASP A 236 -18.64 4.05 -7.57
N MET A 237 -17.43 4.44 -8.01
CA MET A 237 -16.22 3.77 -7.57
C MET A 237 -15.89 4.07 -6.11
N TRP A 238 -16.23 5.25 -5.60
CA TRP A 238 -16.20 5.43 -4.16
C TRP A 238 -17.10 4.44 -3.47
N SER A 239 -18.35 4.35 -3.93
CA SER A 239 -19.31 3.47 -3.28
C SER A 239 -18.81 2.04 -3.25
N LEU A 240 -18.27 1.58 -4.37
CA LEU A 240 -17.65 0.26 -4.44
C LEU A 240 -16.55 0.11 -3.39
N GLY A 241 -15.75 1.14 -3.19
CA GLY A 241 -14.70 1.07 -2.18
C GLY A 241 -15.23 0.93 -0.77
N CYS A 242 -16.38 1.56 -0.48
CA CYS A 242 -17.02 1.34 0.82
C CYS A 242 -17.45 -0.11 0.99
N MET A 243 -18.00 -0.71 -0.07
CA MET A 243 -18.35 -2.12 -0.03
C MET A 243 -17.11 -2.97 0.24
N LEU A 244 -16.05 -2.73 -0.52
CA LEU A 244 -14.81 -3.51 -0.37
C LEU A 244 -14.30 -3.45 1.06
N ALA A 245 -14.27 -2.23 1.63
CA ALA A 245 -13.72 -2.04 2.97
C ALA A 245 -14.54 -2.77 4.03
N SER A 246 -15.89 -2.80 3.89
CA SER A 246 -16.70 -3.48 4.89
C SER A 246 -16.56 -5.00 4.77
N MET A 247 -16.48 -5.53 3.55
CA MET A 247 -16.27 -6.96 3.38
C MET A 247 -14.95 -7.39 4.02
N ILE A 248 -13.82 -6.90 3.48
CA ILE A 248 -12.52 -7.46 3.83
C ILE A 248 -12.19 -7.21 5.30
N PHE A 249 -12.68 -6.12 5.89
CA PHE A 249 -12.41 -5.86 7.31
C PHE A 249 -13.51 -6.38 8.23
N ARG A 250 -14.61 -6.92 7.66
CA ARG A 250 -15.74 -7.41 8.42
C ARG A 250 -16.29 -6.34 9.36
N LYS A 251 -16.42 -5.12 8.84
CA LYS A 251 -17.00 -4.00 9.59
C LYS A 251 -18.08 -3.38 8.70
N GLU A 252 -19.37 -3.64 9.02
CA GLU A 252 -20.32 -2.94 8.17
C GLU A 252 -21.16 -1.97 8.99
N PRO A 253 -21.42 -0.77 8.46
CA PRO A 253 -20.76 -0.22 7.26
C PRO A 253 -19.35 0.20 7.63
N PHE A 254 -18.47 0.49 6.68
CA PHE A 254 -17.12 0.83 7.10
C PHE A 254 -17.08 2.22 7.73
N PHE A 255 -17.66 3.22 7.07
CA PHE A 255 -17.84 4.56 7.63
C PHE A 255 -19.28 4.63 8.13
N HIS A 256 -19.46 4.59 9.45
CA HIS A 256 -20.78 4.54 10.08
C HIS A 256 -21.05 5.91 10.69
N GLY A 257 -21.65 6.81 9.92
CA GLY A 257 -21.91 8.17 10.37
C GLY A 257 -23.35 8.37 10.83
N HIS A 258 -23.53 9.24 11.83
CA HIS A 258 -24.86 9.52 12.37
C HIS A 258 -25.72 10.25 11.35
N ASP A 259 -25.14 11.21 10.63
CA ASP A 259 -25.85 12.07 9.68
C ASP A 259 -24.94 12.33 8.49
N ASN A 260 -25.30 13.30 7.64
CA ASN A 260 -24.48 13.57 6.47
C ASN A 260 -23.17 14.24 6.84
N TYR A 261 -23.17 15.11 7.86
CA TYR A 261 -21.96 15.83 8.22
C TYR A 261 -21.01 14.94 9.00
N ASP A 262 -21.55 14.23 9.99
CA ASP A 262 -20.75 13.24 10.70
C ASP A 262 -20.25 12.15 9.77
N GLN A 263 -20.86 11.98 8.60
CA GLN A 263 -20.34 11.03 7.63
C GLN A 263 -18.97 11.46 7.13
N LEU A 264 -18.80 12.76 6.88
CA LEU A 264 -17.50 13.22 6.40
C LEU A 264 -16.47 13.19 7.50
N VAL A 265 -16.89 13.39 8.75
CA VAL A 265 -15.99 13.27 9.89
C VAL A 265 -15.47 11.83 10.02
N ARG A 266 -16.36 10.85 9.85
CA ARG A 266 -15.92 9.46 9.91
C ARG A 266 -14.87 9.18 8.84
N ILE A 267 -15.11 9.69 7.62
CA ILE A 267 -14.14 9.53 6.54
C ILE A 267 -12.85 10.27 6.88
N ALA A 268 -12.96 11.49 7.40
CA ALA A 268 -11.77 12.27 7.72
C ALA A 268 -10.90 11.56 8.73
N LYS A 269 -11.50 10.82 9.66
CA LYS A 269 -10.69 10.17 10.69
C LYS A 269 -9.84 9.05 10.12
N VAL A 270 -10.11 8.64 8.87
CA VAL A 270 -9.39 7.54 8.21
C VAL A 270 -8.51 8.07 7.07
N LEU A 271 -9.11 8.74 6.10
CA LEU A 271 -8.33 9.30 4.99
C LEU A 271 -7.50 10.50 5.39
N GLY A 272 -7.72 11.09 6.56
CA GLY A 272 -6.99 12.26 7.00
C GLY A 272 -7.60 13.55 6.50
N THR A 273 -7.23 14.65 7.16
CA THR A 273 -7.79 15.96 6.85
C THR A 273 -6.93 16.81 5.93
N GLU A 274 -5.62 16.68 6.00
CA GLU A 274 -4.78 17.07 4.89
C GLU A 274 -5.07 16.06 3.79
N ASP A 275 -5.49 16.54 2.62
CA ASP A 275 -6.04 15.77 1.49
C ASP A 275 -7.49 16.17 1.30
N LEU A 276 -8.28 16.09 2.37
CA LEU A 276 -9.62 16.67 2.29
C LEU A 276 -9.53 18.16 2.04
N TYR A 277 -8.61 18.86 2.74
CA TYR A 277 -8.48 20.29 2.55
C TYR A 277 -7.80 20.65 1.24
N ASP A 278 -6.86 19.83 0.76
CA ASP A 278 -6.35 20.00 -0.59
C ASP A 278 -7.46 19.82 -1.61
N TYR A 279 -8.34 18.84 -1.36
CA TYR A 279 -9.50 18.62 -2.23
C TYR A 279 -10.39 19.85 -2.28
N ILE A 280 -10.72 20.42 -1.11
CA ILE A 280 -11.50 21.66 -1.07
C ILE A 280 -10.79 22.76 -1.85
N ASP A 281 -9.52 22.98 -1.55
CA ASP A 281 -8.82 24.08 -2.19
C ASP A 281 -8.71 23.86 -3.69
N LYS A 282 -8.56 22.61 -4.13
CA LYS A 282 -8.38 22.34 -5.56
C LYS A 282 -9.64 22.67 -6.37
N TYR A 283 -10.80 22.27 -5.87
CA TYR A 283 -12.05 22.54 -6.55
C TYR A 283 -12.75 23.77 -6.04
N ASN A 284 -12.10 24.54 -5.16
CA ASN A 284 -12.64 25.81 -4.65
C ASN A 284 -14.05 25.62 -4.07
N ILE A 285 -14.22 24.56 -3.30
CA ILE A 285 -15.50 24.23 -2.70
C ILE A 285 -15.73 25.15 -1.50
N GLU A 286 -16.92 25.73 -1.40
CA GLU A 286 -17.30 26.49 -0.23
C GLU A 286 -17.82 25.49 0.80
N LEU A 287 -17.06 25.29 1.87
CA LEU A 287 -17.41 24.30 2.87
C LEU A 287 -18.44 24.88 3.84
N ASP A 288 -19.44 24.08 4.16
CA ASP A 288 -20.50 24.48 5.08
C ASP A 288 -19.91 25.10 6.35
N PRO A 289 -20.54 26.14 6.92
CA PRO A 289 -20.06 26.67 8.21
C PRO A 289 -20.21 25.68 9.36
N ARG A 290 -20.97 24.58 9.17
CA ARG A 290 -21.05 23.54 10.18
C ARG A 290 -19.74 22.77 10.29
N PHE A 291 -19.09 22.50 9.16
CA PHE A 291 -17.99 21.55 9.09
C PHE A 291 -16.73 22.06 9.80
N ASN A 292 -16.48 23.37 9.76
CA ASN A 292 -15.24 23.93 10.32
C ASN A 292 -14.93 23.40 11.72
N ASP A 293 -15.95 23.33 12.58
CA ASP A 293 -15.77 23.02 14.00
C ASP A 293 -15.82 21.55 14.33
N ILE A 294 -16.01 20.66 13.34
CA ILE A 294 -16.15 19.24 13.62
C ILE A 294 -15.16 18.38 12.83
N LEU A 295 -14.58 18.87 11.73
CA LEU A 295 -13.66 18.06 10.95
C LEU A 295 -12.30 17.90 11.65
N GLY A 296 -11.88 18.89 12.45
CA GLY A 296 -10.65 18.81 13.20
C GLY A 296 -9.39 18.64 12.33
N ARG A 297 -8.35 18.09 12.97
CA ARG A 297 -7.09 17.72 12.35
C ARG A 297 -6.87 16.23 12.57
N HIS A 298 -6.73 15.47 11.48
CA HIS A 298 -6.55 14.02 11.58
C HIS A 298 -5.55 13.50 10.55
N SER A 299 -4.71 12.58 10.99
CA SER A 299 -3.74 11.94 10.12
C SER A 299 -4.41 10.89 9.24
N ARG A 300 -3.85 10.69 8.07
CA ARG A 300 -4.26 9.58 7.24
C ARG A 300 -3.82 8.28 7.92
N LYS A 301 -4.76 7.37 8.12
CA LYS A 301 -4.48 6.12 8.81
C LYS A 301 -3.89 5.10 7.84
N ARG A 302 -2.98 4.28 8.36
CA ARG A 302 -2.52 3.12 7.62
C ARG A 302 -3.54 2.01 7.73
N TRP A 303 -3.83 1.34 6.61
CA TRP A 303 -4.90 0.36 6.56
C TRP A 303 -4.67 -0.79 7.53
N GLU A 304 -3.42 -1.05 7.92
CA GLU A 304 -3.15 -2.11 8.89
C GLU A 304 -3.98 -1.93 10.16
N ARG A 305 -4.29 -0.69 10.54
CA ARG A 305 -4.99 -0.42 11.80
C ARG A 305 -6.37 -1.06 11.84
N PHE A 306 -6.93 -1.47 10.70
CA PHE A 306 -8.24 -2.12 10.67
C PHE A 306 -8.17 -3.64 10.50
N VAL A 307 -6.97 -4.22 10.45
CA VAL A 307 -6.78 -5.67 10.42
C VAL A 307 -6.81 -6.22 11.82
N HIS A 308 -7.45 -7.38 11.98
CA HIS A 308 -7.36 -8.14 13.23
C HIS A 308 -7.48 -9.63 12.91
N SER A 309 -7.46 -10.45 13.96
CA SER A 309 -7.42 -11.91 13.79
C SER A 309 -8.63 -12.43 13.05
N GLU A 310 -9.79 -11.81 13.25
CA GLU A 310 -11.02 -12.32 12.63
C GLU A 310 -11.21 -11.86 11.19
N ASN A 311 -10.39 -10.94 10.66
CA ASN A 311 -10.54 -10.57 9.25
C ASN A 311 -9.26 -10.70 8.43
N GLN A 312 -8.14 -11.12 9.03
CA GLN A 312 -6.89 -11.12 8.30
C GLN A 312 -6.93 -12.06 7.10
N HIS A 313 -7.77 -13.10 7.17
CA HIS A 313 -7.81 -14.08 6.10
C HIS A 313 -8.34 -13.51 4.79
N LEU A 314 -8.94 -12.31 4.81
CA LEU A 314 -9.41 -11.63 3.60
C LEU A 314 -8.57 -10.43 3.21
N VAL A 315 -7.59 -10.05 4.05
CA VAL A 315 -6.74 -8.90 3.80
C VAL A 315 -5.41 -9.37 3.25
N SER A 316 -4.91 -8.65 2.25
CA SER A 316 -3.64 -8.94 1.58
C SER A 316 -3.08 -7.62 1.07
N PRO A 317 -1.78 -7.58 0.73
CA PRO A 317 -1.23 -6.36 0.10
C PRO A 317 -2.04 -5.90 -1.11
N GLU A 318 -2.42 -6.82 -2.01
CA GLU A 318 -3.17 -6.40 -3.19
C GLU A 318 -4.54 -5.88 -2.81
N ALA A 319 -5.21 -6.54 -1.86
CA ALA A 319 -6.51 -6.03 -1.41
C ALA A 319 -6.40 -4.60 -0.93
N LEU A 320 -5.40 -4.32 -0.08
CA LEU A 320 -5.28 -2.99 0.50
C LEU A 320 -4.88 -1.97 -0.57
N ASP A 321 -3.94 -2.34 -1.44
CA ASP A 321 -3.55 -1.46 -2.53
C ASP A 321 -4.76 -1.07 -3.38
N PHE A 322 -5.63 -2.04 -3.69
CA PHE A 322 -6.79 -1.76 -4.52
C PHE A 322 -7.79 -0.90 -3.75
N LEU A 323 -8.01 -1.21 -2.46
CA LEU A 323 -8.95 -0.41 -1.67
C LEU A 323 -8.50 1.04 -1.61
N ASP A 324 -7.21 1.26 -1.29
CA ASP A 324 -6.68 2.61 -1.15
C ASP A 324 -6.81 3.40 -2.45
N LYS A 325 -6.74 2.73 -3.59
CA LYS A 325 -6.92 3.40 -4.87
C LYS A 325 -8.38 3.65 -5.22
N LEU A 326 -9.33 3.14 -4.45
CA LEU A 326 -10.72 3.51 -4.65
C LEU A 326 -11.17 4.64 -3.74
N LEU A 327 -10.65 4.70 -2.50
CA LEU A 327 -11.15 5.65 -1.50
C LEU A 327 -10.26 6.90 -1.51
N ARG A 328 -10.53 7.78 -2.48
CA ARG A 328 -9.85 9.07 -2.60
C ARG A 328 -10.89 10.18 -2.60
N TYR A 329 -10.65 11.22 -1.80
CA TYR A 329 -11.50 12.41 -1.83
C TYR A 329 -11.72 12.87 -3.26
N ASP A 330 -10.62 13.22 -3.94
CA ASP A 330 -10.64 13.62 -5.33
C ASP A 330 -11.21 12.50 -6.19
N HIS A 331 -12.43 12.72 -6.68
CA HIS A 331 -13.08 11.77 -7.56
C HIS A 331 -12.24 11.49 -8.80
N GLN A 332 -11.50 12.50 -9.28
CA GLN A 332 -10.78 12.31 -10.53
C GLN A 332 -9.61 11.34 -10.39
N SER A 333 -9.04 11.16 -9.20
CA SER A 333 -7.91 10.26 -9.05
C SER A 333 -8.29 8.86 -8.56
N ARG A 334 -9.57 8.55 -8.41
CA ARG A 334 -9.94 7.16 -8.17
C ARG A 334 -9.84 6.34 -9.46
N LEU A 335 -9.68 5.02 -9.30
CA LEU A 335 -9.66 4.11 -10.43
C LEU A 335 -10.99 4.14 -11.15
N THR A 336 -10.92 4.14 -12.49
CA THR A 336 -12.10 3.85 -13.31
C THR A 336 -12.43 2.37 -13.20
N ALA A 337 -13.70 2.04 -13.48
CA ALA A 337 -14.11 0.64 -13.50
C ALA A 337 -13.11 -0.22 -14.26
N ARG A 338 -12.72 0.22 -15.47
CA ARG A 338 -11.83 -0.60 -16.29
C ARG A 338 -10.45 -0.71 -15.67
N GLU A 339 -9.90 0.41 -15.17
CA GLU A 339 -8.63 0.35 -14.44
C GLU A 339 -8.73 -0.60 -13.26
N ALA A 340 -9.83 -0.53 -12.51
CA ALA A 340 -10.03 -1.43 -11.38
C ALA A 340 -9.96 -2.89 -11.82
N MET A 341 -10.64 -3.24 -12.93
CA MET A 341 -10.55 -4.62 -13.39
C MET A 341 -9.17 -5.05 -13.83
N GLU A 342 -8.22 -4.14 -13.99
CA GLU A 342 -6.88 -4.56 -14.36
C GLU A 342 -5.95 -4.62 -13.17
N HIS A 343 -6.46 -4.35 -11.97
CA HIS A 343 -5.63 -4.40 -10.77
C HIS A 343 -5.20 -5.83 -10.45
N PRO A 344 -4.00 -6.01 -9.90
CA PRO A 344 -3.52 -7.35 -9.48
C PRO A 344 -4.46 -8.09 -8.56
N TYR A 345 -5.22 -7.38 -7.71
CA TYR A 345 -6.21 -8.03 -6.85
C TYR A 345 -7.05 -9.07 -7.60
N PHE A 346 -7.27 -8.88 -8.91
CA PHE A 346 -8.14 -9.76 -9.69
C PHE A 346 -7.37 -10.73 -10.60
N TYR A 347 -6.05 -10.82 -10.49
CA TYR A 347 -5.29 -11.66 -11.45
C TYR A 347 -5.80 -13.10 -11.49
N THR A 348 -6.01 -13.72 -10.32
CA THR A 348 -6.43 -15.12 -10.37
C THR A 348 -7.88 -15.28 -10.85
N VAL A 349 -8.77 -14.32 -10.56
CA VAL A 349 -10.13 -14.49 -11.07
C VAL A 349 -10.17 -14.26 -12.59
N VAL A 350 -9.38 -13.33 -13.11
CA VAL A 350 -9.28 -13.16 -14.56
C VAL A 350 -8.73 -14.41 -15.23
N LYS A 351 -7.71 -15.04 -14.64
CA LYS A 351 -7.14 -16.27 -15.19
C LYS A 351 -8.20 -17.38 -15.29
N ASP A 352 -8.91 -17.65 -14.19
CA ASP A 352 -9.89 -18.73 -14.17
C ASP A 352 -11.06 -18.48 -15.12
N GLN A 353 -11.29 -17.23 -15.52
CA GLN A 353 -12.34 -16.95 -16.49
C GLN A 353 -11.85 -17.24 -17.91
N ALA A 354 -10.85 -18.11 -18.03
CA ALA A 354 -10.35 -18.52 -19.32
C ALA A 354 -9.71 -19.90 -19.21
N GLY B 25 14.93 14.74 30.35
CA GLY B 25 15.64 14.39 29.13
C GLY B 25 14.87 13.42 28.24
N PRO B 26 15.56 12.76 27.30
CA PRO B 26 14.89 11.82 26.41
C PRO B 26 14.43 10.55 27.14
N VAL B 27 13.43 9.89 26.55
CA VAL B 27 12.83 8.68 27.08
C VAL B 27 13.68 7.46 26.69
N PRO B 28 13.92 6.53 27.62
CA PRO B 28 14.72 5.34 27.29
C PRO B 28 14.08 4.47 26.23
N SER B 29 14.90 3.67 25.56
CA SER B 29 14.47 2.71 24.57
C SER B 29 15.24 1.41 24.73
N ARG B 30 14.57 0.30 24.38
CA ARG B 30 15.19 -1.02 24.28
C ARG B 30 14.83 -1.63 22.93
N ALA B 31 15.76 -2.41 22.39
CA ALA B 31 15.44 -3.25 21.24
C ALA B 31 14.35 -4.23 21.62
N ARG B 32 13.42 -4.45 20.71
CA ARG B 32 12.35 -5.36 21.08
C ARG B 32 12.65 -6.80 20.68
N VAL B 33 13.82 -7.06 20.09
CA VAL B 33 14.32 -8.43 19.90
C VAL B 33 15.80 -8.42 20.25
N TYR B 34 16.29 -9.58 20.70
CA TYR B 34 17.72 -9.80 20.98
C TYR B 34 18.26 -8.79 21.99
N THR B 35 17.39 -8.33 22.88
CA THR B 35 17.75 -7.22 23.76
C THR B 35 18.97 -7.54 24.59
N ASP B 36 18.95 -8.68 25.28
CA ASP B 36 19.93 -9.00 26.31
C ASP B 36 20.96 -10.01 25.86
N VAL B 37 21.06 -10.27 24.56
CA VAL B 37 21.95 -11.33 24.08
C VAL B 37 23.38 -11.12 24.58
N ASN B 38 23.89 -9.89 24.51
CA ASN B 38 25.26 -9.68 24.98
C ASN B 38 25.36 -9.83 26.51
N THR B 39 24.30 -9.52 27.26
CA THR B 39 24.37 -9.65 28.70
C THR B 39 24.63 -11.11 29.10
N HIS B 40 24.05 -12.05 28.36
CA HIS B 40 24.11 -13.48 28.68
C HIS B 40 25.36 -14.13 28.15
N ARG B 41 26.23 -13.40 27.50
CA ARG B 41 27.48 -13.91 26.98
C ARG B 41 28.64 -13.57 27.90
N PRO B 42 29.74 -14.31 27.81
CA PRO B 42 30.93 -13.92 28.56
C PRO B 42 31.35 -12.49 28.22
N ARG B 43 32.03 -11.86 29.16
CA ARG B 43 32.45 -10.47 28.97
C ARG B 43 33.32 -10.34 27.71
N GLU B 44 34.21 -11.31 27.48
CA GLU B 44 35.16 -11.18 26.37
C GLU B 44 34.48 -11.17 25.01
N TYR B 45 33.21 -11.55 24.95
CA TYR B 45 32.54 -11.62 23.66
C TYR B 45 32.35 -10.23 23.08
N TRP B 46 31.95 -9.26 23.91
CA TRP B 46 31.66 -7.91 23.44
C TRP B 46 32.66 -6.87 23.90
N ASP B 47 33.55 -7.20 24.84
CA ASP B 47 34.53 -6.26 25.41
C ASP B 47 35.75 -6.14 24.50
N TYR B 48 35.52 -5.56 23.31
CA TYR B 48 36.58 -5.51 22.32
C TYR B 48 37.77 -4.65 22.76
N GLU B 49 37.58 -3.74 23.73
CA GLU B 49 38.70 -2.92 24.17
C GLU B 49 39.84 -3.76 24.73
N SER B 50 39.54 -4.91 25.36
CA SER B 50 40.62 -5.75 25.87
C SER B 50 40.84 -7.02 25.05
N HIS B 51 40.38 -7.06 23.81
CA HIS B 51 40.73 -8.16 22.92
C HIS B 51 42.20 -8.03 22.53
N VAL B 52 42.92 -9.16 22.55
CA VAL B 52 44.31 -9.20 22.10
C VAL B 52 44.34 -9.72 20.67
N VAL B 53 44.99 -8.96 19.79
CA VAL B 53 44.93 -9.24 18.36
C VAL B 53 45.97 -10.28 17.98
N GLU B 54 45.55 -11.29 17.21
CA GLU B 54 46.42 -12.38 16.75
C GLU B 54 47.02 -12.01 15.39
N TRP B 55 48.13 -11.28 15.40
CA TRP B 55 48.75 -10.86 14.14
C TRP B 55 49.34 -12.05 13.39
N GLY B 56 49.11 -12.03 12.08
CA GLY B 56 49.74 -12.97 11.17
C GLY B 56 50.87 -12.31 10.39
N ASN B 57 51.38 -13.08 9.44
CA ASN B 57 52.54 -12.67 8.64
C ASN B 57 52.09 -11.94 7.38
N GLN B 58 52.44 -10.64 7.30
CA GLN B 58 52.12 -9.84 6.13
C GLN B 58 52.73 -10.40 4.85
N ASP B 59 53.72 -11.28 4.98
CA ASP B 59 54.50 -11.82 3.88
C ASP B 59 53.84 -13.02 3.19
N ASP B 60 52.72 -13.51 3.70
CA ASP B 60 51.97 -14.49 2.93
C ASP B 60 51.26 -13.86 1.73
N TYR B 61 51.10 -12.54 1.69
CA TYR B 61 50.23 -11.91 0.71
C TYR B 61 50.99 -10.91 -0.15
N GLN B 62 50.64 -10.85 -1.43
CA GLN B 62 51.16 -9.86 -2.35
C GLN B 62 49.99 -9.14 -3.00
N LEU B 63 50.11 -7.82 -3.13
CA LEU B 63 49.01 -7.02 -3.67
C LEU B 63 49.04 -7.07 -5.19
N VAL B 64 47.89 -7.37 -5.78
CA VAL B 64 47.82 -7.51 -7.23
C VAL B 64 47.40 -6.17 -7.80
N ARG B 65 46.24 -5.67 -7.38
CA ARG B 65 45.79 -4.37 -7.88
C ARG B 65 44.83 -3.75 -6.88
N LYS B 66 44.61 -2.44 -7.05
CA LYS B 66 43.71 -1.71 -6.15
C LYS B 66 42.27 -1.86 -6.59
N LEU B 67 41.39 -2.17 -5.64
CA LEU B 67 39.97 -2.36 -5.88
C LEU B 67 39.11 -1.17 -5.48
N GLY B 68 39.58 -0.34 -4.56
CA GLY B 68 38.84 0.84 -4.16
C GLY B 68 39.45 1.42 -2.91
N ARG B 69 38.91 2.56 -2.49
CA ARG B 69 39.34 3.16 -1.23
C ARG B 69 38.27 4.12 -0.76
N GLY B 70 38.52 4.74 0.38
CA GLY B 70 37.57 5.66 1.00
C GLY B 70 38.08 6.20 2.31
N LYS B 71 37.17 6.51 3.23
CA LYS B 71 37.53 7.22 4.44
C LYS B 71 38.48 6.41 5.32
N TYR B 72 38.28 5.09 5.44
CA TYR B 72 38.95 4.30 6.46
C TYR B 72 39.93 3.26 5.93
N SER B 73 40.03 3.07 4.62
CA SER B 73 40.81 1.95 4.11
C SER B 73 41.00 2.08 2.61
N GLU B 74 42.06 1.44 2.13
CA GLU B 74 42.19 1.11 0.73
C GLU B 74 42.08 -0.40 0.61
N VAL B 75 41.41 -0.87 -0.43
CA VAL B 75 41.16 -2.28 -0.61
C VAL B 75 41.87 -2.76 -1.87
N PHE B 76 42.51 -3.92 -1.77
CA PHE B 76 43.35 -4.48 -2.82
C PHE B 76 42.99 -5.94 -3.05
N GLU B 77 42.99 -6.34 -4.32
CA GLU B 77 43.06 -7.76 -4.62
C GLU B 77 44.48 -8.25 -4.36
N ALA B 78 44.61 -9.49 -3.90
CA ALA B 78 45.91 -10.00 -3.49
C ALA B 78 45.94 -11.52 -3.65
N ILE B 79 47.15 -12.05 -3.69
CA ILE B 79 47.37 -13.49 -3.68
C ILE B 79 47.93 -13.89 -2.33
N ASN B 80 47.40 -14.99 -1.79
CA ASN B 80 48.04 -15.71 -0.68
C ASN B 80 49.05 -16.66 -1.28
N ILE B 81 50.34 -16.37 -1.14
CA ILE B 81 51.33 -17.14 -1.89
C ILE B 81 51.52 -18.54 -1.33
N THR B 82 51.16 -18.80 -0.06
CA THR B 82 51.28 -20.15 0.46
C THR B 82 50.38 -21.16 -0.24
N ASN B 83 49.29 -20.70 -0.87
CA ASN B 83 48.33 -21.61 -1.50
C ASN B 83 47.77 -21.09 -2.82
N ASN B 84 48.30 -19.98 -3.33
CA ASN B 84 47.87 -19.32 -4.57
C ASN B 84 46.40 -18.93 -4.58
N GLU B 85 45.74 -18.88 -3.42
CA GLU B 85 44.36 -18.44 -3.39
C GLU B 85 44.28 -16.92 -3.52
N LYS B 86 43.23 -16.46 -4.19
CA LYS B 86 42.97 -15.04 -4.37
C LYS B 86 42.19 -14.52 -3.16
N VAL B 87 42.73 -13.50 -2.48
CA VAL B 87 42.08 -12.85 -1.34
C VAL B 87 41.92 -11.36 -1.59
N VAL B 88 41.37 -10.64 -0.62
CA VAL B 88 41.28 -9.19 -0.65
C VAL B 88 41.88 -8.64 0.63
N VAL B 89 42.75 -7.63 0.49
CA VAL B 89 43.44 -7.01 1.62
C VAL B 89 42.91 -5.58 1.82
N LYS B 90 42.48 -5.28 3.04
CA LYS B 90 42.00 -3.97 3.44
C LYS B 90 43.01 -3.35 4.41
N ILE B 91 43.84 -2.45 3.88
CA ILE B 91 44.80 -1.70 4.68
C ILE B 91 44.07 -0.57 5.39
N LEU B 92 44.22 -0.51 6.72
CA LEU B 92 43.46 0.46 7.50
C LEU B 92 44.19 1.79 7.55
N LYS B 93 43.47 2.87 7.24
CA LYS B 93 43.97 4.19 7.57
C LYS B 93 43.92 4.38 9.07
N PRO B 94 44.73 5.28 9.61
CA PRO B 94 44.74 5.51 11.06
C PRO B 94 43.37 5.72 11.70
N VAL B 95 43.02 4.84 12.63
CA VAL B 95 41.93 5.06 13.57
C VAL B 95 42.44 4.66 14.95
N LYS B 96 41.69 5.03 15.98
CA LYS B 96 42.01 4.58 17.32
C LYS B 96 42.09 3.06 17.33
N LYS B 97 43.12 2.51 18.00
CA LYS B 97 43.25 1.05 18.04
C LYS B 97 41.96 0.39 18.53
N LYS B 98 41.22 1.07 19.41
CA LYS B 98 39.86 0.70 19.81
C LYS B 98 38.99 0.28 18.62
N LYS B 99 38.98 1.10 17.56
CA LYS B 99 38.10 0.82 16.42
C LYS B 99 38.57 -0.38 15.64
N ILE B 100 39.89 -0.59 15.55
CA ILE B 100 40.40 -1.78 14.89
C ILE B 100 40.04 -3.03 15.69
N LYS B 101 40.28 -3.00 17.00
CA LYS B 101 39.85 -4.11 17.84
C LYS B 101 38.36 -4.40 17.67
N ARG B 102 37.54 -3.36 17.55
CA ARG B 102 36.10 -3.56 17.41
C ARG B 102 35.75 -4.31 16.12
N GLU B 103 36.29 -3.87 14.98
CA GLU B 103 35.97 -4.52 13.71
C GLU B 103 36.39 -5.98 13.73
N ILE B 104 37.63 -6.25 14.16
CA ILE B 104 38.14 -7.62 14.20
C ILE B 104 37.24 -8.49 15.08
N LYS B 105 36.92 -8.01 16.29
CA LYS B 105 36.17 -8.85 17.23
C LYS B 105 34.80 -9.22 16.66
N ILE B 106 34.13 -8.24 16.00
CA ILE B 106 32.84 -8.49 15.38
C ILE B 106 32.98 -9.48 14.23
N LEU B 107 34.04 -9.34 13.43
CA LEU B 107 34.28 -10.27 12.32
C LEU B 107 34.55 -11.68 12.85
N GLU B 108 35.43 -11.83 13.84
CA GLU B 108 35.63 -13.14 14.43
C GLU B 108 34.31 -13.70 15.00
N ASN B 109 33.51 -12.84 15.65
CA ASN B 109 32.26 -13.31 16.25
C ASN B 109 31.27 -13.80 15.20
N LEU B 110 31.24 -13.15 14.04
CA LEU B 110 30.25 -13.43 13.01
C LEU B 110 30.71 -14.46 12.00
N ARG B 111 31.98 -14.87 12.07
CA ARG B 111 32.54 -15.79 11.08
C ARG B 111 31.67 -17.03 10.95
N GLY B 112 31.50 -17.49 9.70
CA GLY B 112 30.64 -18.59 9.38
C GLY B 112 29.16 -18.29 9.36
N GLY B 113 28.74 -17.10 9.75
CA GLY B 113 27.34 -16.76 9.71
C GLY B 113 26.89 -16.54 8.28
N PRO B 114 25.61 -16.76 8.01
CA PRO B 114 25.11 -16.75 6.64
C PRO B 114 25.32 -15.40 5.96
N ASN B 115 26.04 -15.42 4.84
CA ASN B 115 26.25 -14.25 3.98
C ASN B 115 27.05 -13.13 4.67
N ILE B 116 27.81 -13.44 5.73
CA ILE B 116 28.78 -12.49 6.27
C ILE B 116 30.12 -12.76 5.60
N ILE B 117 30.80 -11.69 5.15
CA ILE B 117 32.14 -11.84 4.62
C ILE B 117 33.03 -12.50 5.67
N THR B 118 33.96 -13.35 5.22
CA THR B 118 34.86 -14.09 6.10
C THR B 118 36.17 -13.33 6.31
N LEU B 119 36.53 -13.06 7.56
CA LEU B 119 37.87 -12.57 7.85
C LEU B 119 38.83 -13.74 7.84
N ALA B 120 39.85 -13.67 6.97
CA ALA B 120 40.76 -14.79 6.77
C ALA B 120 42.07 -14.62 7.52
N ASP B 121 42.51 -13.40 7.76
CA ASP B 121 43.77 -13.17 8.45
C ASP B 121 43.84 -11.71 8.83
N ILE B 122 44.79 -11.41 9.72
CA ILE B 122 45.03 -10.08 10.27
C ILE B 122 46.53 -9.91 10.28
N VAL B 123 47.06 -9.06 9.40
CA VAL B 123 48.50 -8.87 9.32
C VAL B 123 48.83 -7.41 9.58
N LYS B 124 50.12 -7.10 9.56
CA LYS B 124 50.63 -5.77 9.87
C LYS B 124 51.90 -5.58 9.05
N ASP B 125 52.05 -4.44 8.40
CA ASP B 125 53.33 -4.20 7.71
C ASP B 125 54.45 -4.10 8.75
N PRO B 126 55.57 -4.80 8.56
CA PRO B 126 56.63 -4.75 9.60
C PRO B 126 57.22 -3.36 9.82
N VAL B 127 57.49 -2.60 8.75
CA VAL B 127 58.05 -1.24 8.86
C VAL B 127 56.97 -0.21 9.17
N SER B 128 56.06 0.02 8.21
CA SER B 128 54.98 1.00 8.39
C SER B 128 54.14 0.74 9.64
N ARG B 129 54.15 -0.48 10.18
CA ARG B 129 53.37 -0.88 11.34
C ARG B 129 51.86 -0.75 11.13
N THR B 130 51.40 -0.49 9.88
CA THR B 130 49.97 -0.27 9.66
C THR B 130 49.23 -1.61 9.57
N PRO B 131 48.05 -1.71 10.16
CA PRO B 131 47.32 -2.98 10.17
C PRO B 131 46.49 -3.17 8.90
N ALA B 132 46.24 -4.44 8.59
CA ALA B 132 45.49 -4.83 7.41
C ALA B 132 44.67 -6.07 7.69
N LEU B 133 43.43 -6.08 7.23
CA LEU B 133 42.56 -7.24 7.33
C LEU B 133 42.48 -7.96 5.99
N VAL B 134 42.51 -9.29 6.03
CA VAL B 134 42.48 -10.11 4.82
C VAL B 134 41.13 -10.80 4.77
N PHE B 135 40.43 -10.68 3.63
CA PHE B 135 39.10 -11.25 3.51
C PHE B 135 39.00 -12.25 2.37
N GLU B 136 37.99 -13.10 2.48
CA GLU B 136 37.42 -13.84 1.36
C GLU B 136 37.24 -12.93 0.15
N HIS B 137 37.59 -13.45 -1.02
CA HIS B 137 37.36 -12.73 -2.28
C HIS B 137 36.05 -13.18 -2.90
N VAL B 138 35.29 -12.22 -3.42
CA VAL B 138 34.01 -12.47 -4.07
C VAL B 138 34.13 -12.06 -5.53
N ASN B 139 33.84 -12.99 -6.44
CA ASN B 139 33.80 -12.67 -7.86
C ASN B 139 32.68 -11.69 -8.13
N ASN B 140 32.96 -10.40 -8.07
CA ASN B 140 31.89 -9.43 -8.21
C ASN B 140 31.46 -9.33 -9.66
N THR B 141 30.16 -9.10 -9.84
CA THR B 141 29.56 -8.97 -11.15
C THR B 141 29.70 -7.54 -11.67
N ASP B 142 29.57 -7.40 -12.98
CA ASP B 142 29.40 -6.08 -13.59
C ASP B 142 28.11 -5.47 -13.07
N PHE B 143 28.23 -4.51 -12.14
CA PHE B 143 27.05 -3.93 -11.52
C PHE B 143 26.33 -2.96 -12.46
N LYS B 144 27.03 -2.38 -13.43
CA LYS B 144 26.37 -1.57 -14.45
C LYS B 144 25.34 -2.41 -15.20
N GLN B 145 25.75 -3.58 -15.72
CA GLN B 145 24.79 -4.46 -16.39
C GLN B 145 23.80 -5.08 -15.42
N LEU B 146 24.16 -5.23 -14.15
CA LEU B 146 23.20 -5.79 -13.19
C LEU B 146 21.95 -4.94 -13.09
N TYR B 147 22.10 -3.61 -13.10
CA TYR B 147 21.00 -2.71 -12.80
C TYR B 147 20.11 -2.44 -14.00
N GLN B 148 20.62 -2.66 -15.21
CA GLN B 148 19.80 -2.54 -16.40
C GLN B 148 19.05 -3.83 -16.74
N THR B 149 19.43 -4.95 -16.12
CA THR B 149 18.75 -6.22 -16.32
C THR B 149 18.01 -6.68 -15.08
N LEU B 150 18.04 -5.88 -14.01
CA LEU B 150 17.54 -6.31 -12.72
C LEU B 150 16.07 -6.71 -12.83
N THR B 151 15.75 -7.90 -12.33
CA THR B 151 14.38 -8.36 -12.33
C THR B 151 13.77 -8.21 -10.93
N ASP B 152 12.44 -8.16 -10.91
CA ASP B 152 11.70 -8.23 -9.66
C ASP B 152 12.19 -9.40 -8.82
N TYR B 153 12.40 -10.56 -9.45
CA TYR B 153 12.85 -11.72 -8.69
C TYR B 153 14.23 -11.49 -8.09
N ASP B 154 15.13 -10.87 -8.87
CA ASP B 154 16.47 -10.57 -8.37
C ASP B 154 16.42 -9.79 -7.05
N ILE B 155 15.62 -8.71 -7.04
CA ILE B 155 15.57 -7.85 -5.86
C ILE B 155 15.06 -8.63 -4.65
N ARG B 156 13.98 -9.40 -4.83
CA ARG B 156 13.45 -10.19 -3.71
C ARG B 156 14.48 -11.20 -3.23
N PHE B 157 15.13 -11.90 -4.17
CA PHE B 157 16.11 -12.90 -3.80
C PHE B 157 17.29 -12.30 -3.05
N TYR B 158 17.88 -11.21 -3.57
CA TYR B 158 19.04 -10.69 -2.86
C TYR B 158 18.64 -9.94 -1.58
N MET B 159 17.43 -9.37 -1.51
CA MET B 159 17.03 -8.78 -0.23
C MET B 159 16.86 -9.86 0.82
N TYR B 160 16.33 -11.02 0.44
CA TYR B 160 16.26 -12.14 1.38
C TYR B 160 17.65 -12.51 1.90
N GLU B 161 18.64 -12.56 1.01
CA GLU B 161 19.99 -12.94 1.45
C GLU B 161 20.55 -11.93 2.45
N ILE B 162 20.41 -10.62 2.16
CA ILE B 162 20.82 -9.59 3.11
C ILE B 162 20.10 -9.75 4.45
N LEU B 163 18.80 -10.05 4.42
CA LEU B 163 18.05 -10.23 5.65
C LEU B 163 18.58 -11.40 6.49
N LYS B 164 18.95 -12.51 5.83
CA LYS B 164 19.63 -13.59 6.53
C LYS B 164 20.88 -13.10 7.26
N ALA B 165 21.66 -12.21 6.63
CA ALA B 165 22.86 -11.71 7.30
C ALA B 165 22.50 -10.75 8.43
N LEU B 166 21.46 -9.93 8.25
CA LEU B 166 21.10 -8.98 9.30
C LEU B 166 20.50 -9.71 10.50
N ASP B 167 19.62 -10.69 10.25
CA ASP B 167 19.07 -11.44 11.37
C ASP B 167 20.15 -12.19 12.13
N TYR B 168 21.10 -12.79 11.41
CA TYR B 168 22.19 -13.45 12.10
C TYR B 168 22.95 -12.49 13.00
N CYS B 169 23.37 -11.33 12.46
CA CYS B 169 24.24 -10.45 13.22
C CYS B 169 23.48 -9.76 14.33
N HIS B 170 22.22 -9.40 14.07
CA HIS B 170 21.40 -8.90 15.16
C HIS B 170 21.21 -9.96 16.25
N SER B 171 21.02 -11.22 15.86
CA SER B 171 20.86 -12.24 16.88
C SER B 171 22.17 -12.52 17.60
N MET B 172 23.29 -12.06 17.05
CA MET B 172 24.58 -12.18 17.71
C MET B 172 24.96 -10.93 18.48
N GLY B 173 23.99 -10.06 18.77
CA GLY B 173 24.22 -8.84 19.52
C GLY B 173 24.89 -7.70 18.80
N ILE B 174 24.84 -7.67 17.45
CA ILE B 174 25.66 -6.75 16.69
C ILE B 174 24.81 -5.99 15.67
N MET B 175 24.95 -4.68 15.65
CA MET B 175 24.25 -3.89 14.65
C MET B 175 25.27 -3.35 13.66
N HIS B 176 24.95 -3.47 12.37
CA HIS B 176 25.94 -3.19 11.32
C HIS B 176 26.18 -1.69 11.17
N ARG B 177 25.11 -0.89 11.11
CA ARG B 177 25.14 0.57 11.12
C ARG B 177 25.68 1.19 9.83
N ASP B 178 25.94 0.42 8.79
CA ASP B 178 26.39 1.02 7.52
C ASP B 178 25.84 0.22 6.34
N VAL B 179 24.58 -0.19 6.41
CA VAL B 179 23.98 -0.95 5.33
C VAL B 179 23.74 0.01 4.16
N LYS B 180 24.36 -0.28 3.02
CA LYS B 180 24.18 0.49 1.79
C LYS B 180 24.72 -0.36 0.64
N PRO B 181 24.38 -0.03 -0.61
CA PRO B 181 24.75 -0.91 -1.71
C PRO B 181 26.24 -1.14 -1.82
N HIS B 182 27.06 -0.13 -1.50
CA HIS B 182 28.50 -0.27 -1.57
C HIS B 182 29.00 -1.43 -0.71
N ASN B 183 28.28 -1.77 0.36
CA ASN B 183 28.70 -2.81 1.29
C ASN B 183 28.00 -4.13 1.03
N VAL B 184 27.58 -4.38 -0.19
CA VAL B 184 26.88 -5.60 -0.55
C VAL B 184 27.59 -6.17 -1.75
N MET B 185 28.39 -7.23 -1.54
CA MET B 185 29.04 -7.89 -2.65
C MET B 185 28.12 -8.97 -3.20
N ILE B 186 28.04 -9.05 -4.52
CA ILE B 186 27.22 -10.04 -5.19
C ILE B 186 28.05 -10.68 -6.30
N ASP B 187 28.18 -12.00 -6.26
CA ASP B 187 28.62 -12.83 -7.39
C ASP B 187 27.33 -13.35 -8.03
N HIS B 188 26.84 -12.62 -9.04
CA HIS B 188 25.55 -12.96 -9.64
C HIS B 188 25.57 -14.33 -10.31
N GLU B 189 26.69 -14.68 -10.97
CA GLU B 189 26.77 -15.98 -11.63
C GLU B 189 26.41 -17.11 -10.67
N HIS B 190 26.86 -17.00 -9.41
CA HIS B 190 26.65 -18.02 -8.40
C HIS B 190 25.61 -17.61 -7.36
N ARG B 191 24.82 -16.57 -7.66
CA ARG B 191 23.76 -16.06 -6.79
C ARG B 191 24.24 -15.98 -5.33
N LYS B 192 25.38 -15.33 -5.17
CA LYS B 192 26.16 -15.35 -3.94
C LYS B 192 26.28 -13.92 -3.43
N LEU B 193 26.02 -13.72 -2.15
CA LEU B 193 26.00 -12.38 -1.58
C LEU B 193 26.75 -12.37 -0.25
N ARG B 194 27.48 -11.29 0.00
CA ARG B 194 28.19 -11.11 1.27
C ARG B 194 27.99 -9.69 1.76
N LEU B 195 27.65 -9.53 3.04
CA LEU B 195 27.62 -8.22 3.67
C LEU B 195 29.05 -7.89 4.15
N ILE B 196 29.59 -6.75 3.68
CA ILE B 196 30.96 -6.38 4.02
C ILE B 196 31.01 -5.10 4.85
N ASP B 197 32.24 -4.69 5.15
CA ASP B 197 32.60 -3.49 5.90
C ASP B 197 31.93 -3.38 7.27
N TRP B 198 32.48 -4.11 8.22
CA TRP B 198 31.98 -4.08 9.59
C TRP B 198 32.71 -3.05 10.46
N GLY B 199 33.45 -2.13 9.85
CA GLY B 199 34.19 -1.11 10.59
C GLY B 199 33.32 -0.08 11.30
N LEU B 200 32.03 -0.01 11.00
CA LEU B 200 31.15 0.83 11.79
C LEU B 200 30.24 0.01 12.70
N ALA B 201 30.27 -1.32 12.63
CA ALA B 201 29.39 -2.17 13.43
C ALA B 201 29.66 -2.00 14.91
N GLU B 202 28.67 -2.28 15.74
CA GLU B 202 28.85 -2.11 17.17
C GLU B 202 27.99 -3.14 17.88
N PHE B 203 28.32 -3.41 19.14
CA PHE B 203 27.56 -4.34 19.98
C PHE B 203 26.39 -3.62 20.62
N TYR B 204 25.21 -4.24 20.59
CA TYR B 204 24.06 -3.63 21.24
C TYR B 204 24.05 -3.97 22.73
N HIS B 205 23.82 -2.97 23.58
CA HIS B 205 23.70 -3.17 25.03
C HIS B 205 22.53 -2.31 25.48
N PRO B 206 21.53 -2.89 26.15
CA PRO B 206 20.38 -2.08 26.59
C PRO B 206 20.85 -0.86 27.40
N GLY B 207 20.25 0.28 27.10
CA GLY B 207 20.56 1.50 27.82
C GLY B 207 21.77 2.26 27.32
N GLN B 208 22.58 1.66 26.43
CA GLN B 208 23.78 2.35 25.98
C GLN B 208 23.41 3.39 24.93
N GLU B 209 24.13 4.50 24.95
CA GLU B 209 23.94 5.59 24.02
C GLU B 209 25.09 5.61 23.03
N TYR B 210 24.76 5.63 21.74
CA TYR B 210 25.70 5.44 20.64
C TYR B 210 25.91 6.74 19.87
N ASN B 211 26.99 6.76 19.11
CA ASN B 211 27.29 7.86 18.23
C ASN B 211 26.24 7.94 17.12
N VAL B 212 25.63 9.11 16.93
CA VAL B 212 24.67 9.28 15.85
C VAL B 212 25.34 9.64 14.52
N ARG B 213 26.63 10.02 14.54
CA ARG B 213 27.38 10.31 13.32
C ARG B 213 27.91 9.01 12.69
N VAL B 214 26.99 8.13 12.33
CA VAL B 214 27.32 6.92 11.58
C VAL B 214 26.51 6.89 10.30
N ALA B 215 26.99 6.08 9.35
CA ALA B 215 26.28 5.69 8.11
C ALA B 215 26.33 6.79 7.08
N SER B 216 26.13 6.44 5.81
CA SER B 216 26.07 7.45 4.75
C SER B 216 24.81 8.31 4.94
N ARG B 217 24.93 9.59 4.60
CA ARG B 217 23.80 10.53 4.67
C ARG B 217 22.45 9.96 4.24
N TYR B 218 22.40 9.39 3.03
CA TYR B 218 21.17 8.93 2.42
C TYR B 218 20.58 7.70 3.12
N PHE B 219 21.34 7.04 3.99
CA PHE B 219 20.87 5.84 4.64
C PHE B 219 20.67 6.05 6.14
N LYS B 220 20.91 7.26 6.64
CA LYS B 220 20.77 7.54 8.07
C LYS B 220 19.30 7.47 8.48
N GLY B 221 19.03 6.77 9.59
CA GLY B 221 17.68 6.71 10.09
C GLY B 221 17.31 7.99 10.82
N PRO B 222 16.00 8.28 10.89
CA PRO B 222 15.56 9.49 11.60
C PRO B 222 16.12 9.61 13.02
N GLU B 223 16.31 8.50 13.74
CA GLU B 223 16.85 8.60 15.10
C GLU B 223 18.25 9.21 15.10
N LEU B 224 19.01 8.98 14.03
CA LEU B 224 20.31 9.62 13.90
C LEU B 224 20.14 11.11 13.58
N LEU B 225 19.19 11.45 12.72
CA LEU B 225 19.06 12.84 12.29
C LEU B 225 18.48 13.71 13.40
N VAL B 226 17.63 13.15 14.27
CA VAL B 226 17.12 13.91 15.40
C VAL B 226 18.00 13.75 16.63
N ASP B 227 19.10 13.01 16.53
CA ASP B 227 20.07 12.87 17.61
C ASP B 227 19.46 12.11 18.81
N TYR B 228 18.85 10.96 18.53
CA TYR B 228 18.34 10.06 19.55
C TYR B 228 19.36 8.93 19.70
N GLN B 229 20.05 8.90 20.84
CA GLN B 229 21.25 8.09 20.93
C GLN B 229 20.98 6.63 21.33
N MET B 230 19.84 6.34 21.96
CA MET B 230 19.61 4.98 22.51
C MET B 230 18.94 4.10 21.47
N TYR B 231 19.61 3.90 20.35
CA TYR B 231 18.99 3.15 19.26
C TYR B 231 19.46 1.69 19.27
N ASP B 232 19.10 0.93 18.23
CA ASP B 232 19.35 -0.51 18.26
C ASP B 232 19.31 -1.06 16.83
N TYR B 233 19.08 -2.37 16.71
CA TYR B 233 19.22 -3.07 15.42
C TYR B 233 18.29 -2.49 14.37
N SER B 234 17.16 -1.90 14.79
CA SER B 234 16.19 -1.39 13.83
C SER B 234 16.78 -0.30 12.94
N LEU B 235 17.91 0.26 13.34
CA LEU B 235 18.60 1.23 12.50
C LEU B 235 18.97 0.60 11.16
N ASP B 236 19.47 -0.63 11.19
CA ASP B 236 19.79 -1.38 9.97
C ASP B 236 18.56 -1.57 9.08
N MET B 237 17.38 -1.71 9.69
CA MET B 237 16.17 -1.95 8.93
C MET B 237 15.71 -0.67 8.23
N TRP B 238 15.92 0.50 8.83
CA TRP B 238 15.71 1.72 8.07
C TRP B 238 16.60 1.76 6.84
N SER B 239 17.88 1.41 7.01
CA SER B 239 18.80 1.42 5.88
C SER B 239 18.37 0.45 4.81
N LEU B 240 17.98 -0.75 5.20
CA LEU B 240 17.54 -1.71 4.21
C LEU B 240 16.37 -1.15 3.40
N GLY B 241 15.47 -0.42 4.06
CA GLY B 241 14.34 0.15 3.36
C GLY B 241 14.74 1.28 2.43
N CYS B 242 15.79 2.02 2.78
CA CYS B 242 16.30 3.03 1.87
C CYS B 242 16.84 2.37 0.61
N MET B 243 17.66 1.32 0.78
CA MET B 243 18.12 0.47 -0.32
C MET B 243 16.94 -0.07 -1.14
N LEU B 244 15.97 -0.67 -0.46
CA LEU B 244 14.85 -1.28 -1.16
C LEU B 244 14.14 -0.25 -2.03
N ALA B 245 13.90 0.95 -1.49
CA ALA B 245 13.20 1.97 -2.25
C ALA B 245 13.94 2.34 -3.53
N SER B 246 15.28 2.48 -3.48
CA SER B 246 15.99 2.87 -4.68
C SER B 246 16.04 1.74 -5.69
N MET B 247 16.05 0.50 -5.23
CA MET B 247 16.04 -0.64 -6.14
C MET B 247 14.75 -0.65 -6.96
N ILE B 248 13.60 -0.63 -6.29
CA ILE B 248 12.35 -0.87 -6.99
C ILE B 248 11.87 0.38 -7.72
N PHE B 249 12.25 1.57 -7.25
CA PHE B 249 11.87 2.80 -7.95
C PHE B 249 12.96 3.28 -8.89
N ARG B 250 14.16 2.69 -8.84
CA ARG B 250 15.27 3.08 -9.70
C ARG B 250 15.55 4.58 -9.53
N LYS B 251 15.81 4.96 -8.29
CA LYS B 251 16.02 6.35 -7.90
C LYS B 251 17.10 6.33 -6.83
N GLU B 252 18.32 6.65 -7.22
CA GLU B 252 19.44 6.48 -6.29
C GLU B 252 20.10 7.83 -6.03
N PRO B 253 20.10 8.34 -4.79
CA PRO B 253 19.47 7.72 -3.63
C PRO B 253 17.97 8.00 -3.60
N PHE B 254 17.25 7.33 -2.71
CA PHE B 254 15.82 7.59 -2.64
C PHE B 254 15.52 8.88 -1.86
N PHE B 255 16.18 9.07 -0.73
CA PHE B 255 16.06 10.30 0.06
C PHE B 255 17.34 11.09 -0.19
N HIS B 256 17.25 12.10 -1.04
CA HIS B 256 18.42 12.80 -1.58
C HIS B 256 18.66 14.12 -0.84
N GLY B 257 19.04 14.02 0.44
CA GLY B 257 19.30 15.20 1.23
C GLY B 257 20.60 15.90 0.88
N HIS B 258 20.65 17.22 1.13
CA HIS B 258 21.85 18.01 0.85
C HIS B 258 22.86 17.97 1.99
N ASP B 259 22.38 17.67 3.19
CA ASP B 259 23.19 17.51 4.37
C ASP B 259 22.31 16.78 5.39
N ASN B 260 22.76 16.74 6.65
CA ASN B 260 22.03 15.98 7.65
C ASN B 260 20.69 16.60 7.98
N TYR B 261 20.62 17.94 8.09
CA TYR B 261 19.35 18.57 8.39
C TYR B 261 18.36 18.36 7.26
N ASP B 262 18.76 18.74 6.04
CA ASP B 262 17.86 18.62 4.90
C ASP B 262 17.51 17.15 4.61
N GLN B 263 18.39 16.21 4.97
CA GLN B 263 18.06 14.81 4.78
C GLN B 263 16.78 14.45 5.51
N LEU B 264 16.60 14.98 6.73
CA LEU B 264 15.34 14.74 7.44
C LEU B 264 14.18 15.44 6.76
N VAL B 265 14.41 16.61 6.17
CA VAL B 265 13.35 17.23 5.38
C VAL B 265 12.95 16.31 4.22
N ARG B 266 13.93 15.71 3.55
CA ARG B 266 13.59 14.85 2.42
C ARG B 266 12.73 13.69 2.88
N ILE B 267 13.05 13.08 4.03
CA ILE B 267 12.19 12.04 4.57
C ILE B 267 10.82 12.61 4.91
N ALA B 268 10.78 13.78 5.53
CA ALA B 268 9.52 14.34 6.00
C ALA B 268 8.56 14.63 4.85
N LYS B 269 9.10 15.03 3.68
CA LYS B 269 8.23 15.33 2.55
C LYS B 269 7.57 14.08 1.99
N VAL B 270 8.07 12.90 2.36
CA VAL B 270 7.49 11.61 1.93
C VAL B 270 6.66 10.97 3.05
N LEU B 271 7.26 10.81 4.23
CA LEU B 271 6.55 10.18 5.33
C LEU B 271 5.63 11.15 6.07
N GLY B 272 5.79 12.45 5.90
CA GLY B 272 4.89 13.41 6.51
C GLY B 272 5.43 13.89 7.85
N THR B 273 4.92 15.05 8.28
CA THR B 273 5.37 15.63 9.53
C THR B 273 4.61 15.14 10.75
N GLU B 274 3.34 14.73 10.61
CA GLU B 274 2.58 14.31 11.78
C GLU B 274 3.27 13.16 12.53
N ASP B 275 3.67 12.10 11.81
CA ASP B 275 4.31 10.98 12.50
C ASP B 275 5.70 11.37 13.00
N LEU B 276 6.38 12.28 12.30
CA LEU B 276 7.68 12.76 12.78
C LEU B 276 7.53 13.46 14.12
N TYR B 277 6.55 14.36 14.25
CA TYR B 277 6.37 15.09 15.50
C TYR B 277 5.76 14.21 16.59
N ASP B 278 4.91 13.24 16.21
CA ASP B 278 4.46 12.22 17.17
C ASP B 278 5.65 11.45 17.74
N TYR B 279 6.64 11.16 16.89
CA TYR B 279 7.84 10.44 17.29
C TYR B 279 8.69 11.27 18.25
N ILE B 280 8.89 12.56 17.93
CA ILE B 280 9.63 13.46 18.82
C ILE B 280 8.97 13.49 20.18
N ASP B 281 7.63 13.55 20.21
CA ASP B 281 6.93 13.70 21.48
C ASP B 281 7.01 12.43 22.32
N LYS B 282 6.88 11.27 21.68
CA LYS B 282 6.92 10.00 22.39
C LYS B 282 8.21 9.84 23.16
N TYR B 283 9.34 10.15 22.54
CA TYR B 283 10.65 9.96 23.15
C TYR B 283 11.19 11.22 23.78
N ASN B 284 10.36 12.25 23.90
CA ASN B 284 10.76 13.55 24.47
C ASN B 284 12.05 14.04 23.84
N ILE B 285 12.20 13.81 22.54
CA ILE B 285 13.40 14.25 21.83
C ILE B 285 13.37 15.76 21.73
N GLU B 286 14.51 16.40 21.91
CA GLU B 286 14.60 17.85 21.73
C GLU B 286 15.22 18.15 20.37
N LEU B 287 14.46 18.85 19.51
CA LEU B 287 14.90 19.15 18.16
C LEU B 287 15.95 20.25 18.15
N ASP B 288 17.07 19.99 17.51
CA ASP B 288 18.01 21.05 17.14
C ASP B 288 17.21 22.23 16.57
N PRO B 289 17.36 23.44 17.14
CA PRO B 289 16.56 24.57 16.65
C PRO B 289 16.80 24.88 15.18
N ARG B 290 17.95 24.48 14.63
CA ARG B 290 18.17 24.58 13.19
C ARG B 290 17.06 23.90 12.42
N PHE B 291 16.42 22.87 13.00
CA PHE B 291 15.27 22.23 12.38
C PHE B 291 14.01 23.09 12.49
N ASN B 292 13.95 23.96 13.50
CA ASN B 292 12.69 24.62 13.84
C ASN B 292 12.06 25.34 12.66
N ASP B 293 12.84 25.67 11.63
CA ASP B 293 12.32 26.50 10.57
C ASP B 293 12.23 25.81 9.21
N ILE B 294 12.89 24.69 8.99
CA ILE B 294 12.98 24.11 7.65
C ILE B 294 12.13 22.85 7.48
N LEU B 295 11.57 22.30 8.56
CA LEU B 295 10.83 21.05 8.49
C LEU B 295 9.44 21.24 7.90
N GLY B 296 8.81 22.37 8.18
CA GLY B 296 7.52 22.66 7.60
C GLY B 296 6.40 21.71 8.04
N ARG B 297 5.34 21.75 7.24
CA ARG B 297 4.18 20.87 7.36
C ARG B 297 4.05 20.12 6.04
N HIS B 298 4.11 18.80 6.10
CA HIS B 298 4.04 17.98 4.89
C HIS B 298 3.20 16.75 5.19
N SER B 299 2.37 16.38 4.22
CA SER B 299 1.53 15.21 4.40
C SER B 299 2.32 13.96 4.06
N ARG B 300 1.77 12.81 4.48
CA ARG B 300 2.37 11.52 4.16
C ARG B 300 1.93 11.11 2.76
N LYS B 301 2.88 10.84 1.88
CA LYS B 301 2.55 10.55 0.48
C LYS B 301 2.27 9.06 0.26
N ARG B 302 1.56 8.78 -0.81
CA ARG B 302 1.35 7.40 -1.24
C ARG B 302 2.50 6.97 -2.13
N TRP B 303 2.97 5.73 -1.92
CA TRP B 303 4.10 5.21 -2.66
C TRP B 303 3.89 5.22 -4.17
N GLU B 304 2.65 5.38 -4.63
CA GLU B 304 2.39 5.41 -6.06
C GLU B 304 2.97 6.65 -6.74
N ARG B 305 3.22 7.72 -5.98
CA ARG B 305 3.81 8.92 -6.56
C ARG B 305 5.15 8.62 -7.22
N PHE B 306 5.86 7.59 -6.77
CA PHE B 306 7.18 7.25 -7.27
C PHE B 306 7.19 6.16 -8.34
N VAL B 307 6.02 5.67 -8.77
CA VAL B 307 5.93 4.62 -9.78
C VAL B 307 5.80 5.28 -11.15
N HIS B 308 6.56 4.80 -12.12
CA HIS B 308 6.45 5.25 -13.49
C HIS B 308 6.80 4.08 -14.41
N SER B 309 6.73 4.33 -15.71
CA SER B 309 6.79 3.25 -16.71
C SER B 309 8.13 2.51 -16.70
N GLU B 310 9.20 3.17 -16.31
CA GLU B 310 10.47 2.47 -16.30
C GLU B 310 10.76 1.69 -15.02
N ASN B 311 10.00 1.87 -13.94
CA ASN B 311 10.23 1.06 -12.76
C ASN B 311 9.04 0.16 -12.38
N GLN B 312 7.90 0.28 -13.05
CA GLN B 312 6.72 -0.46 -12.63
C GLN B 312 6.95 -1.98 -12.67
N HIS B 313 7.85 -2.46 -13.54
CA HIS B 313 8.09 -3.90 -13.62
C HIS B 313 8.68 -4.43 -12.33
N LEU B 314 9.29 -3.56 -11.49
CA LEU B 314 9.87 -3.90 -10.20
C LEU B 314 8.93 -3.62 -9.03
N VAL B 315 7.82 -2.94 -9.23
CA VAL B 315 6.94 -2.48 -8.16
C VAL B 315 5.69 -3.35 -8.13
N SER B 316 5.31 -3.78 -6.95
CA SER B 316 4.07 -4.55 -6.79
C SER B 316 3.41 -4.12 -5.49
N PRO B 317 2.16 -4.50 -5.22
CA PRO B 317 1.57 -4.19 -3.91
C PRO B 317 2.27 -4.84 -2.75
N GLU B 318 2.82 -6.05 -2.94
CA GLU B 318 3.54 -6.67 -1.82
C GLU B 318 4.87 -5.96 -1.60
N ALA B 319 5.53 -5.53 -2.67
CA ALA B 319 6.76 -4.74 -2.52
C ALA B 319 6.49 -3.48 -1.72
N LEU B 320 5.43 -2.75 -2.07
CA LEU B 320 5.15 -1.48 -1.42
C LEU B 320 4.72 -1.68 0.02
N ASP B 321 3.97 -2.75 0.29
CA ASP B 321 3.57 -3.01 1.67
C ASP B 321 4.78 -3.35 2.53
N PHE B 322 5.70 -4.16 2.00
CA PHE B 322 6.94 -4.46 2.70
C PHE B 322 7.69 -3.17 3.00
N LEU B 323 7.87 -2.35 1.97
CA LEU B 323 8.66 -1.14 2.10
C LEU B 323 8.06 -0.20 3.14
N ASP B 324 6.74 -0.07 3.15
CA ASP B 324 6.08 0.83 4.09
C ASP B 324 6.33 0.42 5.54
N LYS B 325 6.53 -0.88 5.79
CA LYS B 325 6.73 -1.37 7.14
C LYS B 325 8.20 -1.31 7.57
N LEU B 326 9.11 -0.95 6.67
CA LEU B 326 10.51 -0.71 6.99
C LEU B 326 10.77 0.75 7.30
N LEU B 327 10.15 1.66 6.53
CA LEU B 327 10.41 3.10 6.64
C LEU B 327 9.38 3.76 7.58
N ARG B 328 9.56 3.53 8.88
CA ARG B 328 8.80 4.24 9.90
C ARG B 328 9.75 5.07 10.74
N TYR B 329 9.30 6.24 11.17
CA TYR B 329 10.09 7.06 12.08
C TYR B 329 10.40 6.29 13.36
N ASP B 330 9.37 5.78 14.01
CA ASP B 330 9.51 5.11 15.29
C ASP B 330 10.29 3.82 15.08
N HIS B 331 11.54 3.80 15.56
CA HIS B 331 12.41 2.67 15.31
C HIS B 331 11.82 1.38 15.90
N GLN B 332 11.15 1.48 17.05
CA GLN B 332 10.54 0.29 17.63
C GLN B 332 9.40 -0.28 16.79
N SER B 333 8.88 0.45 15.79
CA SER B 333 7.74 -0.06 15.04
C SER B 333 8.11 -0.52 13.63
N ARG B 334 9.40 -0.54 13.28
CA ARG B 334 9.84 -1.12 12.03
C ARG B 334 9.90 -2.63 12.15
N LEU B 335 9.74 -3.33 11.03
CA LEU B 335 9.93 -4.79 11.06
C LEU B 335 11.32 -5.13 11.56
N THR B 336 11.41 -6.20 12.35
CA THR B 336 12.68 -6.85 12.58
C THR B 336 13.08 -7.66 11.35
N ALA B 337 14.37 -8.02 11.30
CA ALA B 337 14.86 -8.84 10.20
C ALA B 337 14.01 -10.09 10.01
N ARG B 338 13.76 -10.82 11.11
CA ARG B 338 12.98 -12.06 11.01
C ARG B 338 11.56 -11.77 10.54
N GLU B 339 10.90 -10.73 11.08
CA GLU B 339 9.55 -10.41 10.59
C GLU B 339 9.58 -10.07 9.12
N ALA B 340 10.60 -9.31 8.69
CA ALA B 340 10.77 -9.02 7.27
C ALA B 340 10.83 -10.31 6.45
N MET B 341 11.58 -11.32 6.93
CA MET B 341 11.72 -12.56 6.17
C MET B 341 10.42 -13.32 6.02
N GLU B 342 9.39 -12.99 6.80
CA GLU B 342 8.12 -13.66 6.72
C GLU B 342 7.07 -12.88 5.96
N HIS B 343 7.46 -11.75 5.37
CA HIS B 343 6.52 -10.95 4.61
C HIS B 343 6.19 -11.64 3.29
N PRO B 344 4.96 -11.43 2.77
CA PRO B 344 4.56 -12.10 1.52
C PRO B 344 5.45 -11.80 0.32
N TYR B 345 6.02 -10.60 0.24
CA TYR B 345 6.97 -10.26 -0.80
C TYR B 345 8.07 -11.33 -1.03
N PHE B 346 8.30 -12.21 -0.05
CA PHE B 346 9.33 -13.25 -0.16
C PHE B 346 8.75 -14.67 -0.27
N TYR B 347 7.43 -14.81 -0.48
CA TYR B 347 6.87 -16.16 -0.53
C TYR B 347 7.49 -16.99 -1.65
N THR B 348 7.65 -16.39 -2.83
CA THR B 348 8.17 -17.15 -3.98
C THR B 348 9.60 -17.60 -3.75
N VAL B 349 10.46 -16.71 -3.21
CA VAL B 349 11.87 -17.07 -3.01
C VAL B 349 12.02 -18.06 -1.86
N VAL B 350 11.22 -17.91 -0.79
CA VAL B 350 11.26 -18.88 0.29
C VAL B 350 10.94 -20.28 -0.23
N LYS B 351 9.96 -20.39 -1.14
CA LYS B 351 9.60 -21.69 -1.68
C LYS B 351 10.68 -22.22 -2.61
N ASP B 352 11.32 -21.33 -3.38
CA ASP B 352 12.39 -21.75 -4.29
C ASP B 352 13.57 -22.34 -3.55
N GLN B 353 13.78 -21.91 -2.30
CA GLN B 353 14.89 -22.43 -1.54
C GLN B 353 14.65 -23.86 -1.06
N ALA B 354 13.43 -24.36 -1.21
CA ALA B 354 13.14 -25.77 -0.97
C ALA B 354 13.63 -26.62 -2.16
C4 A1I9N C . -28.55 -7.95 -0.94
C5 A1I9N C . -27.16 -8.36 -0.50
C8 A1I9N C . -25.03 -9.28 -1.28
C10 A1I9N C . -22.68 -8.56 -1.39
C13 A1I9N C . -20.16 -9.61 -1.93
C15 A1I9N C . -20.59 -8.43 -2.55
C17 A1I9N C . -21.84 -7.92 -2.28
C20 A1I9N C . -34.05 -6.74 -0.93
C21 A1I9N C . -35.11 -6.13 -1.86
C22 A1I9N C . -36.03 -7.08 -2.62
C24 A1I9N C . -35.40 -7.76 -4.90
C26 A1I9N C . -35.31 -6.24 -6.68
C28 A1I9N C . -35.13 -4.57 -8.43
C11 A1I9N C . -22.25 -9.72 -0.78
C12 A1I9N C . -21.01 -10.25 -1.05
C19 A1I9N C . -32.82 -7.22 -1.66
C2 A1I9N C . -30.96 -8.20 -0.39
C27 A1I9N C . -35.30 -4.89 -7.10
C29 A1I9N C . -35.02 -3.12 -8.85
C3 A1I9N C . -29.58 -7.99 0.17
C32 A1I9N C . -35.00 -5.58 -9.36
C33 A1I9N C . -35.00 -6.89 -8.98
C34 A1I9N C . -35.16 -7.26 -7.64
C35 A1I9N C . -35.13 -8.63 -7.17
C36 A1I9N C . -34.96 -9.75 -8.03
C38 A1I9N C . -35.05 -11.23 -6.29
C39 A1I9N C . -35.21 -10.25 -5.36
C40 A1I9N C . -35.26 -8.89 -5.78
C9 A1I9N C . -24.11 -8.10 -1.23
N18 A1I9N C . -31.57 -7.13 -0.89
N23 A1I9N C . -35.33 -7.92 -3.56
N25 A1I9N C . -35.43 -6.51 -5.33
N37 A1I9N C . -34.92 -11.02 -7.61
N7 A1I9N C . -26.41 -8.87 -1.47
O1 A1I9N C . -31.48 -9.31 -0.37
O30 A1I9N C . -34.52 -2.88 -9.97
O31 A1I9N C . -35.46 -2.23 -8.07
O6 A1I9N C . -26.76 -8.23 0.66
CL14 A1I9N C . -18.64 -10.32 -2.33
CL16 A1I9N C . -19.55 -7.59 -3.64
S SO4 D . -32.49 13.14 -8.76
O1 SO4 D . -32.59 13.95 -7.54
O2 SO4 D . -32.71 11.73 -8.42
O3 SO4 D . -33.48 13.63 -9.73
O4 SO4 D . -31.15 13.32 -9.34
S SO4 E . -48.15 8.12 -19.24
O1 SO4 E . -47.65 8.49 -17.91
O2 SO4 E . -49.41 7.37 -19.06
O3 SO4 E . -48.39 9.31 -20.06
O4 SO4 E . -47.17 7.29 -19.95
S SO4 F . -20.17 0.29 -25.93
O1 SO4 F . -18.73 0.55 -25.75
O2 SO4 F . -20.62 -0.65 -24.91
O3 SO4 F . -20.94 1.53 -25.84
O4 SO4 F . -20.40 -0.29 -27.24
S SO4 G . -6.25 11.25 15.00
O1 SO4 G . -5.66 10.08 15.66
O2 SO4 G . -7.55 10.87 14.44
O3 SO4 G . -6.49 12.34 15.95
O4 SO4 G . -5.31 11.70 13.97
S SO4 H . 28.28 12.51 9.27
O1 SO4 H . 27.15 13.28 9.78
O2 SO4 H . 28.20 11.13 9.76
O3 SO4 H . 29.53 13.13 9.74
O4 SO4 H . 28.26 12.49 7.80
S SO4 I . 31.86 5.23 16.58
O1 SO4 I . 31.73 6.65 16.89
O2 SO4 I . 30.57 4.56 16.80
O3 SO4 I . 32.30 5.00 15.19
O4 SO4 I . 32.84 4.68 17.52
C4 A1I9N J . 28.59 -3.20 -4.72
C5 A1I9N J . 27.15 -3.08 -5.21
C8 A1I9N J . 24.86 -3.80 -4.94
C10 A1I9N J . 22.66 -4.74 -4.43
C13 A1I9N J . 20.46 -5.89 -5.67
C15 A1I9N J . 20.47 -5.72 -4.29
C17 A1I9N J . 21.56 -5.14 -3.68
C20 A1I9N J . 33.99 -2.06 -4.16
C21 A1I9N J . 35.24 -1.82 -3.30
C22 A1I9N J . 36.23 -2.95 -3.13
C24 A1I9N J . 35.84 -5.14 -2.04
C26 A1I9N J . 35.84 -5.50 0.28
C28 A1I9N J . 35.55 -5.72 2.69
C11 A1I9N J . 22.63 -4.92 -5.80
C12 A1I9N J . 21.54 -5.50 -6.42
C19 A1I9N J . 32.80 -2.37 -3.26
C2 A1I9N J . 30.92 -2.31 -4.91
C27 A1I9N J . 35.71 -4.93 1.57
C29 A1I9N J . 35.35 -5.08 4.04
C3 A1I9N J . 29.45 -2.00 -5.07
C32 A1I9N J . 35.55 -7.11 2.54
C33 A1I9N J . 35.67 -7.68 1.31
C34 A1I9N J . 35.83 -6.90 0.14
C35 A1I9N J . 35.81 -7.44 -1.18
C36 A1I9N J . 35.77 -8.83 -1.46
C38 A1I9N J . 35.76 -8.48 -3.73
C39 A1I9N J . 35.80 -7.13 -3.59
C40 A1I9N J . 35.82 -6.56 -2.30
C9 A1I9N J . 23.89 -4.12 -3.81
N18 A1I9N J . 31.47 -1.95 -3.75
N23 A1I9N J . 35.61 -4.26 -3.02
N25 A1I9N J . 35.86 -4.64 -0.81
N37 A1I9N J . 35.75 -9.34 -2.69
N7 A1I9N J . 26.26 -3.78 -4.54
O1 A1I9N J . 31.55 -2.83 -5.82
O30 A1I9N J . 34.98 -5.80 4.99
O31 A1I9N J . 35.57 -3.84 4.13
O6 A1I9N J . 26.86 -2.40 -6.19
CL14 A1I9N J . 19.11 -6.61 -6.48
CL16 A1I9N J . 19.10 -6.22 -3.34
S SO4 K . -0.74 11.21 -1.98
O1 SO4 K . -0.48 12.52 -1.39
O2 SO4 K . -1.78 10.55 -1.21
O3 SO4 K . -1.11 11.32 -3.40
O4 SO4 K . 0.48 10.42 -1.89
S SO4 L . 2.61 18.73 0.89
O1 SO4 L . 3.83 19.43 1.33
O2 SO4 L . 2.14 17.83 1.95
O3 SO4 L . 1.54 19.70 0.62
O4 SO4 L . 2.89 17.99 -0.35
S SO4 M . 48.62 -3.86 18.87
O1 SO4 M . 48.85 -3.11 20.11
O2 SO4 M . 47.21 -4.26 18.79
O3 SO4 M . 48.94 -3.00 17.72
O4 SO4 M . 49.48 -5.06 18.84
#